data_1ONI
#
_entry.id   1ONI
#
_cell.length_a   154.158
_cell.length_b   154.158
_cell.length_c   104.559
_cell.angle_alpha   90.00
_cell.angle_beta   90.00
_cell.angle_gamma   120.00
#
_symmetry.space_group_name_H-M   'P 31 2 1'
#
loop_
_entity.id
_entity.type
_entity.pdbx_description
1 polymer '14.5 kDa translational inhibitor protein'
2 non-polymer 'BENZOIC ACID'
3 water water
#
_entity_poly.entity_id   1
_entity_poly.type   'polypeptide(L)'
_entity_poly.pdbx_seq_one_letter_code
;GSSSLIRRVISTAKAPGAIGPYSQAVLVDRTIYISGQIGMDPSSGQLVSGGVAEEAKQALKNMGEILKAAGCDFTNVVKT
TVLLADINDFNTVNEIYKQYFKSNFPARAAYQVAALPKGSRIEIEAVAIQGPLTTASL
;
_entity_poly.pdbx_strand_id   A,B,C,D,E,F,G,H,I
#
loop_
_chem_comp.id
_chem_comp.type
_chem_comp.name
_chem_comp.formula
BEZ non-polymer 'BENZOIC ACID' 'C7 H6 O2'
#
# COMPACT_ATOMS: atom_id res chain seq x y z
N SER A 3 0.31 -8.11 43.31
CA SER A 3 1.38 -8.08 42.26
C SER A 3 1.08 -9.03 41.08
N SER A 4 0.02 -9.81 41.16
CA SER A 4 -0.31 -10.67 40.06
C SER A 4 -1.12 -9.98 38.95
N LEU A 5 -1.02 -10.54 37.76
CA LEU A 5 -1.72 -10.07 36.59
C LEU A 5 -2.58 -11.21 36.06
N ILE A 6 -3.75 -10.92 35.52
CA ILE A 6 -4.55 -12.00 34.96
C ILE A 6 -4.08 -12.25 33.54
N ARG A 7 -3.98 -13.53 33.20
CA ARG A 7 -3.63 -13.96 31.87
C ARG A 7 -4.72 -14.96 31.59
N ARG A 8 -5.48 -14.76 30.52
CA ARG A 8 -6.54 -15.69 30.15
C ARG A 8 -6.54 -15.95 28.64
N VAL A 9 -6.69 -17.23 28.33
CA VAL A 9 -6.72 -17.74 26.97
C VAL A 9 -8.11 -17.52 26.41
N ILE A 10 -8.18 -16.81 25.28
CA ILE A 10 -9.42 -16.57 24.60
C ILE A 10 -9.72 -17.79 23.76
N SER A 11 -10.95 -18.30 23.82
CA SER A 11 -11.37 -19.34 22.90
C SER A 11 -12.86 -19.12 22.59
N THR A 12 -13.17 -19.01 21.30
CA THR A 12 -14.54 -18.87 20.82
C THR A 12 -14.82 -19.91 19.75
N ALA A 13 -16.06 -20.40 19.72
CA ALA A 13 -16.47 -21.34 18.70
C ALA A 13 -16.74 -20.69 17.34
N LYS A 14 -16.79 -19.35 17.30
CA LYS A 14 -17.05 -18.65 16.05
C LYS A 14 -15.77 -18.45 15.25
N ALA A 15 -14.65 -18.94 15.77
CA ALA A 15 -13.39 -18.95 15.04
C ALA A 15 -12.91 -20.39 15.09
N PRO A 16 -12.05 -20.78 14.16
CA PRO A 16 -11.56 -22.15 14.13
C PRO A 16 -10.85 -22.46 15.44
N GLY A 17 -11.09 -23.63 15.99
CA GLY A 17 -10.48 -23.98 17.26
C GLY A 17 -9.02 -24.32 17.09
N ALA A 18 -8.27 -24.19 18.19
CA ALA A 18 -6.83 -24.49 18.22
C ALA A 18 -6.41 -25.77 17.49
N ILE A 19 -6.73 -26.91 18.11
CA ILE A 19 -6.25 -28.23 17.70
C ILE A 19 -4.74 -28.13 17.58
N GLY A 20 -4.13 -28.08 18.75
CA GLY A 20 -2.70 -27.98 18.90
C GLY A 20 -2.34 -27.26 20.19
N PRO A 21 -1.05 -27.21 20.47
CA PRO A 21 -0.55 -26.51 21.62
C PRO A 21 -0.44 -24.98 21.38
N TYR A 22 -1.54 -24.36 20.96
CA TYR A 22 -1.59 -22.90 20.87
C TYR A 22 -3.03 -22.44 21.20
N SER A 23 -3.17 -21.18 21.56
CA SER A 23 -4.47 -20.58 21.86
C SER A 23 -4.81 -19.60 20.76
N GLN A 24 -6.11 -19.37 20.52
CA GLN A 24 -6.51 -18.39 19.51
C GLN A 24 -5.89 -17.01 19.84
N ALA A 25 -5.86 -16.67 21.12
CA ALA A 25 -5.27 -15.43 21.59
C ALA A 25 -5.08 -15.47 23.10
N VAL A 26 -4.16 -14.68 23.60
CA VAL A 26 -3.93 -14.63 25.02
C VAL A 26 -4.00 -13.17 25.45
N LEU A 27 -4.82 -12.94 26.46
CA LEU A 27 -4.99 -11.63 27.09
C LEU A 27 -4.19 -11.50 28.41
N VAL A 28 -3.41 -10.42 28.58
CA VAL A 28 -2.59 -10.28 29.80
C VAL A 28 -2.35 -8.80 30.17
N ASP A 29 -3.16 -8.27 31.11
CA ASP A 29 -3.27 -6.82 31.57
C ASP A 29 -3.45 -6.02 30.27
N ARG A 30 -4.59 -6.20 29.64
CA ARG A 30 -5.24 -5.30 28.63
C ARG A 30 -4.51 -5.60 27.27
N THR A 31 -3.37 -6.33 27.21
CA THR A 31 -2.75 -6.60 25.91
C THR A 31 -3.15 -7.99 25.40
N ILE A 32 -3.70 -8.05 24.19
CA ILE A 32 -4.14 -9.29 23.57
C ILE A 32 -3.21 -9.66 22.44
N TYR A 33 -2.56 -10.81 22.57
CA TYR A 33 -1.69 -11.34 21.52
C TYR A 33 -2.55 -12.32 20.72
N ILE A 34 -2.79 -12.05 19.45
CA ILE A 34 -3.68 -12.90 18.64
C ILE A 34 -2.86 -13.78 17.70
N SER A 35 -3.17 -15.07 17.68
CA SER A 35 -2.48 -16.01 16.83
C SER A 35 -2.63 -15.65 15.36
N GLY A 36 -1.71 -16.13 14.52
CA GLY A 36 -1.83 -15.91 13.10
C GLY A 36 -3.11 -16.52 12.55
N GLN A 37 -3.95 -15.73 11.90
CA GLN A 37 -5.20 -16.25 11.37
C GLN A 37 -5.08 -16.51 9.86
N ILE A 38 -5.63 -17.62 9.41
CA ILE A 38 -5.68 -17.95 7.99
C ILE A 38 -7.17 -18.10 7.61
N GLY A 39 -7.48 -18.22 6.34
CA GLY A 39 -8.85 -18.27 5.85
C GLY A 39 -9.54 -19.61 6.07
N MET A 40 -9.44 -20.16 7.27
CA MET A 40 -10.10 -21.42 7.62
C MET A 40 -11.58 -21.21 7.99
N ASP A 41 -12.47 -22.06 7.52
CA ASP A 41 -13.88 -21.94 7.92
C ASP A 41 -14.02 -22.58 9.28
N PRO A 42 -14.57 -21.88 10.26
CA PRO A 42 -14.61 -22.39 11.62
C PRO A 42 -15.36 -23.70 11.72
N SER A 43 -16.30 -23.90 10.82
CA SER A 43 -17.05 -25.15 10.78
C SER A 43 -16.30 -26.30 10.10
N SER A 44 -16.10 -26.19 8.78
CA SER A 44 -15.46 -27.23 7.98
C SER A 44 -14.02 -27.56 8.34
N GLY A 45 -13.36 -26.70 9.12
CA GLY A 45 -11.95 -26.87 9.40
C GLY A 45 -11.05 -26.75 8.16
N GLN A 46 -11.60 -26.44 7.00
CA GLN A 46 -10.79 -26.31 5.78
C GLN A 46 -10.69 -24.88 5.32
N LEU A 47 -9.63 -24.58 4.57
CA LEU A 47 -9.45 -23.26 3.97
C LEU A 47 -10.62 -23.05 3.05
N VAL A 48 -11.14 -21.85 3.01
CA VAL A 48 -12.18 -21.52 2.07
C VAL A 48 -11.56 -21.51 0.69
N SER A 49 -12.38 -21.72 -0.32
CA SER A 49 -11.90 -21.78 -1.70
C SER A 49 -11.87 -20.38 -2.30
N GLY A 50 -11.06 -20.19 -3.33
CA GLY A 50 -11.03 -18.90 -4.02
C GLY A 50 -9.73 -18.14 -3.97
N GLY A 51 -8.76 -18.61 -3.20
CA GLY A 51 -7.49 -17.92 -3.10
C GLY A 51 -7.53 -16.72 -2.17
N VAL A 52 -6.61 -15.79 -2.44
CA VAL A 52 -6.31 -14.72 -1.49
C VAL A 52 -7.48 -13.79 -1.11
N ALA A 53 -8.32 -13.42 -2.06
CA ALA A 53 -9.43 -12.52 -1.74
C ALA A 53 -10.36 -13.16 -0.71
N GLU A 54 -10.79 -14.39 -1.00
CA GLU A 54 -11.70 -15.11 -0.11
C GLU A 54 -11.06 -15.49 1.20
N GLU A 55 -9.79 -15.90 1.15
CA GLU A 55 -9.08 -16.29 2.36
C GLU A 55 -8.83 -15.07 3.24
N ALA A 56 -8.54 -13.93 2.64
CA ALA A 56 -8.28 -12.73 3.44
C ALA A 56 -9.53 -12.33 4.19
N LYS A 57 -10.66 -12.34 3.49
CA LYS A 57 -11.95 -12.01 4.12
C LYS A 57 -12.20 -12.94 5.30
N GLN A 58 -12.00 -14.23 5.09
CA GLN A 58 -12.27 -15.22 6.15
C GLN A 58 -11.29 -15.07 7.33
N ALA A 59 -10.01 -14.86 7.05
CA ALA A 59 -9.02 -14.65 8.10
C ALA A 59 -9.36 -13.44 8.97
N LEU A 60 -9.80 -12.35 8.33
CA LEU A 60 -10.23 -11.14 9.06
C LEU A 60 -11.51 -11.37 9.88
N LYS A 61 -12.47 -12.12 9.35
CA LYS A 61 -13.67 -12.47 10.14
C LYS A 61 -13.28 -13.28 11.38
N ASN A 62 -12.39 -14.25 11.18
CA ASN A 62 -11.87 -15.05 12.28
C ASN A 62 -11.24 -14.16 13.34
N MET A 63 -10.41 -13.22 12.93
CA MET A 63 -9.79 -12.28 13.86
C MET A 63 -10.84 -11.44 14.60
N GLY A 64 -11.87 -11.01 13.88
CA GLY A 64 -12.95 -10.23 14.44
C GLY A 64 -13.71 -10.99 15.54
N GLU A 65 -13.95 -12.27 15.33
CA GLU A 65 -14.65 -13.09 16.34
C GLU A 65 -13.81 -13.28 17.62
N ILE A 66 -12.50 -13.39 17.45
CA ILE A 66 -11.58 -13.52 18.55
C ILE A 66 -11.55 -12.21 19.33
N LEU A 67 -11.50 -11.10 18.62
CA LEU A 67 -11.51 -9.78 19.25
C LEU A 67 -12.80 -9.63 20.05
N LYS A 68 -13.91 -10.00 19.42
CA LYS A 68 -15.22 -9.91 20.06
C LYS A 68 -15.26 -10.69 21.38
N ALA A 69 -14.67 -11.89 21.39
CA ALA A 69 -14.70 -12.72 22.59
C ALA A 69 -13.89 -12.07 23.69
N ALA A 70 -12.94 -11.21 23.32
CA ALA A 70 -12.18 -10.47 24.33
C ALA A 70 -12.79 -9.09 24.66
N GLY A 71 -14.03 -8.83 24.27
CA GLY A 71 -14.62 -7.52 24.53
C GLY A 71 -14.08 -6.39 23.64
N CYS A 72 -13.50 -6.72 22.49
CA CYS A 72 -12.90 -5.73 21.59
C CYS A 72 -13.50 -5.77 20.20
N ASP A 73 -13.06 -4.82 19.37
CA ASP A 73 -13.31 -4.88 17.94
C ASP A 73 -12.03 -4.47 17.15
N PHE A 74 -12.16 -4.21 15.87
CA PHE A 74 -10.97 -3.90 15.12
C PHE A 74 -10.30 -2.57 15.54
N THR A 75 -11.05 -1.66 16.16
CA THR A 75 -10.47 -0.39 16.57
C THR A 75 -9.49 -0.60 17.69
N ASN A 76 -9.56 -1.74 18.39
CA ASN A 76 -8.59 -2.01 19.44
C ASN A 76 -7.20 -2.51 18.97
N VAL A 77 -7.07 -2.87 17.70
CA VAL A 77 -5.85 -3.46 17.20
C VAL A 77 -4.82 -2.33 17.03
N VAL A 78 -3.61 -2.56 17.51
CA VAL A 78 -2.54 -1.58 17.42
C VAL A 78 -1.39 -1.96 16.48
N LYS A 79 -1.29 -3.25 16.15
CA LYS A 79 -0.21 -3.75 15.29
C LYS A 79 -0.67 -5.02 14.60
N THR A 80 -0.42 -5.16 13.31
CA THR A 80 -0.66 -6.42 12.60
C THR A 80 0.60 -6.83 11.84
N THR A 81 0.67 -8.11 11.51
CA THR A 81 1.68 -8.60 10.59
C THR A 81 0.89 -9.32 9.53
N VAL A 82 1.14 -8.98 8.28
CA VAL A 82 0.43 -9.58 7.16
C VAL A 82 1.44 -10.41 6.38
N LEU A 83 1.25 -11.71 6.40
CA LEU A 83 2.15 -12.62 5.73
C LEU A 83 1.47 -13.11 4.44
N LEU A 84 2.15 -12.96 3.31
CA LEU A 84 1.61 -13.34 2.01
C LEU A 84 2.38 -14.45 1.30
N ALA A 85 1.65 -15.27 0.53
CA ALA A 85 2.24 -16.24 -0.36
C ALA A 85 2.76 -15.52 -1.61
N ASP A 86 2.25 -14.31 -1.86
CA ASP A 86 2.67 -13.55 -3.06
C ASP A 86 2.57 -12.01 -2.84
N ILE A 87 3.72 -11.34 -2.80
CA ILE A 87 3.80 -9.91 -2.53
C ILE A 87 2.93 -9.10 -3.50
N ASN A 88 2.70 -9.66 -4.67
CA ASN A 88 1.89 -9.00 -5.68
C ASN A 88 0.38 -8.98 -5.38
N ASP A 89 -0.05 -9.71 -4.34
CA ASP A 89 -1.45 -9.71 -3.89
C ASP A 89 -1.80 -8.51 -2.96
N PHE A 90 -0.84 -7.64 -2.70
CA PHE A 90 -1.07 -6.49 -1.79
C PHE A 90 -2.26 -5.57 -2.16
N ASN A 91 -2.39 -5.18 -3.42
CA ASN A 91 -3.51 -4.32 -3.80
C ASN A 91 -4.87 -4.97 -3.41
N THR A 92 -5.03 -6.26 -3.71
CA THR A 92 -6.25 -6.98 -3.36
C THR A 92 -6.43 -7.08 -1.83
N VAL A 93 -5.37 -7.47 -1.17
CA VAL A 93 -5.38 -7.61 0.28
C VAL A 93 -5.70 -6.29 0.96
N ASN A 94 -5.07 -5.18 0.52
CA ASN A 94 -5.31 -3.87 1.12
C ASN A 94 -6.77 -3.41 1.04
N GLU A 95 -7.43 -3.68 -0.08
CA GLU A 95 -8.82 -3.33 -0.27
C GLU A 95 -9.76 -4.03 0.73
N ILE A 96 -9.49 -5.29 0.96
CA ILE A 96 -10.24 -6.10 1.90
C ILE A 96 -9.90 -5.67 3.34
N TYR A 97 -8.62 -5.52 3.63
CA TYR A 97 -8.11 -5.07 4.94
C TYR A 97 -8.86 -3.81 5.40
N LYS A 98 -9.06 -2.88 4.49
CA LYS A 98 -9.70 -1.62 4.79
C LYS A 98 -11.19 -1.77 5.04
N GLN A 99 -11.77 -2.91 4.73
CA GLN A 99 -13.19 -3.11 5.04
C GLN A 99 -13.40 -3.40 6.52
N TYR A 100 -12.36 -3.86 7.19
CA TYR A 100 -12.40 -4.20 8.62
C TYR A 100 -11.67 -3.15 9.42
N PHE A 101 -10.49 -2.77 8.97
CA PHE A 101 -9.72 -1.70 9.60
C PHE A 101 -10.02 -0.46 8.81
N LYS A 102 -11.02 0.28 9.24
CA LYS A 102 -11.54 1.37 8.43
C LYS A 102 -10.76 2.68 8.47
N SER A 103 -10.11 2.96 9.59
CA SER A 103 -9.37 4.20 9.76
C SER A 103 -8.52 4.05 11.01
N ASN A 104 -7.65 5.03 11.26
CA ASN A 104 -6.78 5.00 12.42
C ASN A 104 -6.05 3.65 12.43
N PHE A 105 -5.38 3.35 11.32
CA PHE A 105 -4.88 2.03 11.08
C PHE A 105 -3.81 1.59 12.09
N PRO A 106 -3.75 0.30 12.37
CA PRO A 106 -2.64 -0.22 13.15
C PRO A 106 -1.31 0.01 12.44
N ALA A 107 -0.26 -0.06 13.23
CA ALA A 107 1.08 -0.19 12.70
C ALA A 107 1.11 -1.55 12.01
N ARG A 108 1.99 -1.73 11.04
CA ARG A 108 2.01 -3.00 10.34
C ARG A 108 3.40 -3.40 9.84
N ALA A 109 3.63 -4.71 9.74
CA ALA A 109 4.78 -5.24 9.04
C ALA A 109 4.19 -6.12 7.95
N ALA A 110 4.82 -6.19 6.79
CA ALA A 110 4.26 -6.98 5.70
C ALA A 110 5.36 -7.53 4.78
N TYR A 111 5.21 -8.79 4.40
CA TYR A 111 6.20 -9.47 3.58
C TYR A 111 5.66 -10.79 3.06
N GLN A 112 6.34 -11.29 2.04
CA GLN A 112 6.04 -12.57 1.43
C GLN A 112 6.97 -13.61 2.04
N VAL A 113 6.36 -14.71 2.48
CA VAL A 113 7.07 -15.83 3.07
C VAL A 113 7.21 -16.91 2.01
N ALA A 114 7.89 -18.00 2.35
CA ALA A 114 8.06 -19.11 1.40
C ALA A 114 6.85 -20.03 1.40
N ALA A 115 6.18 -20.17 2.53
CA ALA A 115 5.00 -21.03 2.60
C ALA A 115 4.26 -20.83 3.92
N LEU A 116 2.93 -20.96 3.85
CA LEU A 116 2.07 -20.79 5.01
C LEU A 116 1.36 -22.10 5.32
N PRO A 117 0.84 -22.25 6.53
CA PRO A 117 0.16 -23.49 6.89
C PRO A 117 -0.96 -23.82 5.91
N LYS A 118 -1.09 -25.09 5.57
CA LYS A 118 -2.18 -25.56 4.71
C LYS A 118 -2.13 -24.97 3.32
N GLY A 119 -0.99 -24.42 2.92
CA GLY A 119 -0.87 -23.79 1.61
C GLY A 119 -1.68 -22.51 1.46
N SER A 120 -1.93 -21.81 2.55
CA SER A 120 -2.77 -20.63 2.42
C SER A 120 -2.03 -19.48 1.75
N ARG A 121 -2.79 -18.50 1.32
CA ARG A 121 -2.25 -17.34 0.63
C ARG A 121 -1.98 -16.15 1.57
N ILE A 122 -2.48 -16.23 2.81
CA ILE A 122 -2.35 -15.13 3.73
C ILE A 122 -2.53 -15.57 5.18
N GLU A 123 -1.74 -14.99 6.05
CA GLU A 123 -1.84 -15.22 7.50
C GLU A 123 -1.71 -13.85 8.12
N ILE A 124 -2.59 -13.52 9.06
CA ILE A 124 -2.53 -12.24 9.74
C ILE A 124 -2.46 -12.40 11.26
N GLU A 125 -1.42 -11.85 11.88
CA GLU A 125 -1.30 -11.87 13.35
C GLU A 125 -1.58 -10.44 13.83
N ALA A 126 -1.88 -10.28 15.12
CA ALA A 126 -2.18 -8.95 15.64
C ALA A 126 -1.91 -8.82 17.12
N VAL A 127 -1.75 -7.57 17.56
CA VAL A 127 -1.69 -7.22 18.95
C VAL A 127 -2.87 -6.24 19.10
N ALA A 128 -3.66 -6.40 20.15
CA ALA A 128 -4.73 -5.46 20.44
C ALA A 128 -4.70 -5.07 21.92
N ILE A 129 -5.33 -3.94 22.24
CA ILE A 129 -5.39 -3.46 23.61
C ILE A 129 -6.84 -3.28 24.06
N GLN A 130 -7.18 -3.86 25.21
CA GLN A 130 -8.52 -3.70 25.75
C GLN A 130 -8.79 -2.29 26.14
N GLY A 131 -9.97 -1.79 25.79
CA GLY A 131 -10.37 -0.43 26.06
C GLY A 131 -10.79 -0.31 27.51
N PRO A 132 -11.19 0.88 27.90
CA PRO A 132 -11.29 2.01 26.99
C PRO A 132 -9.96 2.74 26.78
N LEU A 133 -9.86 3.40 25.61
CA LEU A 133 -8.64 4.08 25.16
C LEU A 133 -8.93 5.54 24.88
N THR A 134 -7.90 6.37 25.01
CA THR A 134 -8.04 7.80 24.78
C THR A 134 -6.77 8.39 24.17
N THR A 135 -6.89 9.52 23.47
CA THR A 135 -5.73 10.21 22.95
C THR A 135 -5.21 11.23 23.95
N ALA A 136 -6.06 11.57 24.91
CA ALA A 136 -5.76 12.61 25.89
C ALA A 136 -4.70 12.19 26.89
N SER A 137 -3.71 13.07 27.11
CA SER A 137 -2.66 12.81 28.12
C SER A 137 -3.28 13.02 29.50
N LEU A 138 -4.61 13.07 29.56
CA LEU A 138 -5.35 13.14 30.83
C LEU A 138 -5.25 14.48 31.56
N SER B 3 -9.21 4.24 34.26
CA SER B 3 -9.22 2.94 33.50
C SER B 3 -8.82 3.13 32.03
N SER B 4 -8.96 4.35 31.51
CA SER B 4 -8.50 4.67 30.16
C SER B 4 -6.99 4.48 29.97
N LEU B 5 -6.61 3.96 28.80
CA LEU B 5 -5.17 3.91 28.46
C LEU B 5 -4.95 4.83 27.25
N ILE B 6 -3.80 5.48 27.23
CA ILE B 6 -3.49 6.41 26.15
C ILE B 6 -3.07 5.63 24.91
N ARG B 7 -3.77 5.88 23.81
CA ARG B 7 -3.47 5.31 22.52
C ARG B 7 -3.51 6.42 21.48
N ARG B 8 -2.37 6.58 20.78
CA ARG B 8 -2.21 7.65 19.79
C ARG B 8 -1.40 7.18 18.59
N VAL B 9 -1.77 7.66 17.43
CA VAL B 9 -0.98 7.35 16.25
C VAL B 9 0.18 8.35 16.22
N ILE B 10 1.32 7.90 15.73
CA ILE B 10 2.47 8.78 15.52
C ILE B 10 2.56 9.02 14.01
N SER B 11 2.73 10.26 13.60
CA SER B 11 2.82 10.56 12.19
C SER B 11 3.69 11.80 11.97
N THR B 12 4.85 11.60 11.33
CA THR B 12 5.76 12.68 11.00
C THR B 12 6.07 12.70 9.50
N ALA B 13 6.12 13.91 8.93
CA ALA B 13 6.49 14.07 7.53
C ALA B 13 7.99 13.80 7.30
N LYS B 14 8.75 13.60 8.36
CA LYS B 14 10.20 13.34 8.30
C LYS B 14 10.50 11.94 7.83
N ALA B 15 9.45 11.12 7.77
CA ALA B 15 9.53 9.76 7.27
C ALA B 15 8.43 9.61 6.23
N PRO B 16 8.55 8.61 5.36
CA PRO B 16 7.59 8.47 4.27
C PRO B 16 6.14 8.24 4.68
N GLY B 17 5.25 8.77 3.86
CA GLY B 17 3.83 8.57 4.04
C GLY B 17 3.50 7.13 3.77
N ALA B 18 2.43 6.62 4.36
CA ALA B 18 2.02 5.25 4.13
C ALA B 18 1.60 5.03 2.67
N ILE B 19 2.04 3.89 2.12
CA ILE B 19 1.70 3.45 0.79
C ILE B 19 0.53 2.46 0.83
N GLY B 20 -0.01 2.21 2.02
CA GLY B 20 -1.12 1.28 2.24
C GLY B 20 -1.84 1.66 3.55
N PRO B 21 -2.85 0.89 3.97
CA PRO B 21 -3.61 1.23 5.18
C PRO B 21 -2.90 0.87 6.50
N TYR B 22 -1.90 1.67 6.88
CA TYR B 22 -1.15 1.46 8.10
C TYR B 22 -0.67 2.80 8.63
N SER B 23 -0.34 2.87 9.92
CA SER B 23 0.18 4.06 10.50
C SER B 23 1.69 3.82 10.67
N GLN B 24 2.46 4.88 10.79
CA GLN B 24 3.92 4.75 11.03
C GLN B 24 4.20 4.03 12.35
N ALA B 25 3.47 4.42 13.40
CA ALA B 25 3.64 3.79 14.68
C ALA B 25 2.40 4.05 15.54
N VAL B 26 2.18 3.20 16.52
CA VAL B 26 1.09 3.45 17.45
C VAL B 26 1.69 3.38 18.84
N LEU B 27 1.41 4.43 19.62
CA LEU B 27 1.83 4.53 21.02
C LEU B 27 0.61 4.11 21.88
N VAL B 28 0.77 3.12 22.75
CA VAL B 28 -0.30 2.71 23.66
C VAL B 28 0.29 2.41 25.04
N ASP B 29 -0.15 3.17 26.01
CA ASP B 29 0.37 3.05 27.39
C ASP B 29 1.89 2.85 27.47
N ARG B 30 2.65 3.75 26.89
CA ARG B 30 4.13 3.67 26.90
C ARG B 30 4.83 2.73 25.91
N THR B 31 4.09 1.79 25.34
CA THR B 31 4.65 0.89 24.34
C THR B 31 4.40 1.45 22.96
N ILE B 32 5.45 1.52 22.14
CA ILE B 32 5.36 2.01 20.78
C ILE B 32 5.59 0.88 19.78
N TYR B 33 4.59 0.56 18.99
CA TYR B 33 4.67 -0.43 17.95
C TYR B 33 5.00 0.33 16.66
N ILE B 34 6.18 0.11 16.12
CA ILE B 34 6.62 0.78 14.90
C ILE B 34 6.50 -0.12 13.69
N SER B 35 5.85 0.39 12.65
CA SER B 35 5.75 -0.35 11.41
C SER B 35 7.09 -0.73 10.79
N GLY B 36 7.07 -1.76 9.97
CA GLY B 36 8.24 -2.15 9.23
C GLY B 36 8.71 -0.98 8.38
N GLN B 37 9.98 -0.63 8.53
CA GLN B 37 10.55 0.45 7.73
C GLN B 37 11.40 -0.08 6.60
N ILE B 38 11.25 0.50 5.42
CA ILE B 38 12.12 0.16 4.30
C ILE B 38 12.90 1.45 3.93
N GLY B 39 13.85 1.34 3.00
CA GLY B 39 14.71 2.46 2.63
C GLY B 39 14.12 3.45 1.64
N MET B 40 12.91 3.87 1.91
CA MET B 40 12.21 4.81 1.05
C MET B 40 12.57 6.24 1.47
N ASP B 41 12.85 7.09 0.50
CA ASP B 41 13.14 8.48 0.83
C ASP B 41 11.83 9.18 1.16
N PRO B 42 11.81 9.98 2.20
CA PRO B 42 10.60 10.67 2.62
C PRO B 42 10.13 11.75 1.67
N SER B 43 11.06 12.31 0.89
CA SER B 43 10.72 13.36 -0.06
C SER B 43 10.18 12.82 -1.37
N SER B 44 10.83 11.81 -1.93
CA SER B 44 10.46 11.23 -3.21
C SER B 44 9.48 10.08 -3.09
N GLY B 45 9.44 9.41 -1.95
CA GLY B 45 8.60 8.23 -1.79
C GLY B 45 9.11 7.01 -2.57
N GLN B 46 10.36 7.07 -3.06
CA GLN B 46 10.97 5.93 -3.75
C GLN B 46 12.11 5.34 -2.93
N LEU B 47 12.39 4.06 -3.12
CA LEU B 47 13.57 3.47 -2.51
C LEU B 47 14.82 4.23 -2.96
N VAL B 48 15.78 4.43 -2.06
CA VAL B 48 17.04 5.07 -2.40
C VAL B 48 17.84 4.08 -3.25
N SER B 49 18.71 4.60 -4.09
CA SER B 49 19.54 3.80 -4.95
C SER B 49 20.74 3.24 -4.22
N GLY B 50 21.26 2.12 -4.70
CA GLY B 50 22.52 1.63 -4.17
C GLY B 50 22.48 0.31 -3.45
N GLY B 51 21.31 -0.27 -3.28
CA GLY B 51 21.25 -1.56 -2.65
C GLY B 51 21.09 -1.57 -1.14
N VAL B 52 21.40 -2.74 -0.57
CA VAL B 52 21.05 -3.05 0.81
C VAL B 52 21.67 -2.12 1.82
N ALA B 53 22.94 -1.76 1.61
CA ALA B 53 23.59 -0.86 2.59
C ALA B 53 22.91 0.51 2.65
N GLU B 54 22.66 1.12 1.49
CA GLU B 54 21.97 2.41 1.43
C GLU B 54 20.52 2.30 1.91
N GLU B 55 19.85 1.20 1.59
CA GLU B 55 18.45 1.02 2.04
C GLU B 55 18.37 0.84 3.55
N ALA B 56 19.30 0.06 4.11
CA ALA B 56 19.32 -0.16 5.56
C ALA B 56 19.50 1.17 6.29
N LYS B 57 20.43 1.97 5.81
CA LYS B 57 20.67 3.28 6.39
C LYS B 57 19.40 4.14 6.37
N GLN B 58 18.75 4.20 5.22
CA GLN B 58 17.57 5.04 5.07
C GLN B 58 16.43 4.51 5.93
N ALA B 59 16.29 3.18 5.98
CA ALA B 59 15.26 2.57 6.81
C ALA B 59 15.45 2.96 8.28
N LEU B 60 16.70 2.96 8.72
CA LEU B 60 17.01 3.32 10.08
C LEU B 60 16.80 4.81 10.33
N LYS B 61 17.15 5.64 9.37
CA LYS B 61 16.87 7.07 9.50
C LYS B 61 15.36 7.27 9.66
N ASN B 62 14.57 6.58 8.84
CA ASN B 62 13.11 6.68 8.89
C ASN B 62 12.61 6.27 10.28
N MET B 63 13.09 5.14 10.79
CA MET B 63 12.72 4.67 12.12
C MET B 63 13.09 5.73 13.16
N GLY B 64 14.28 6.30 13.01
CA GLY B 64 14.77 7.35 13.90
C GLY B 64 13.84 8.56 13.97
N GLU B 65 13.29 8.98 12.82
CA GLU B 65 12.39 10.13 12.77
C GLU B 65 11.07 9.79 13.44
N ILE B 66 10.62 8.54 13.29
CA ILE B 66 9.39 8.11 13.91
C ILE B 66 9.60 8.08 15.44
N LEU B 67 10.72 7.51 15.89
CA LEU B 67 11.06 7.50 17.31
C LEU B 67 11.05 8.91 17.89
N LYS B 68 11.66 9.85 17.18
CA LYS B 68 11.72 11.22 17.66
C LYS B 68 10.30 11.76 17.87
N ALA B 69 9.41 11.48 16.93
CA ALA B 69 8.04 12.00 17.01
C ALA B 69 7.26 11.32 18.15
N ALA B 70 7.78 10.20 18.65
CA ALA B 70 7.16 9.49 19.79
C ALA B 70 7.84 9.87 21.08
N GLY B 71 8.69 10.86 21.01
CA GLY B 71 9.38 11.29 22.20
C GLY B 71 10.66 10.50 22.53
N CYS B 72 11.11 9.61 21.63
CA CYS B 72 12.05 8.50 22.00
C CYS B 72 13.31 8.67 21.02
N ASP B 73 14.36 7.88 21.25
CA ASP B 73 15.50 7.80 20.33
C ASP B 73 15.80 6.29 20.24
N PHE B 74 16.91 5.89 19.66
CA PHE B 74 17.17 4.45 19.50
C PHE B 74 17.34 3.69 20.83
N THR B 75 17.69 4.39 21.90
CA THR B 75 17.87 3.72 23.20
C THR B 75 16.53 3.21 23.78
N ASN B 76 15.41 3.71 23.27
CA ASN B 76 14.09 3.28 23.76
C ASN B 76 13.63 1.95 23.12
N VAL B 77 14.29 1.52 22.04
CA VAL B 77 13.93 0.28 21.33
C VAL B 77 14.30 -0.97 22.15
N VAL B 78 13.33 -1.86 22.34
CA VAL B 78 13.54 -3.09 23.11
C VAL B 78 13.51 -4.37 22.28
N LYS B 79 12.94 -4.30 21.08
CA LYS B 79 12.85 -5.45 20.19
C LYS B 79 12.80 -5.00 18.73
N THR B 80 13.55 -5.70 17.88
CA THR B 80 13.44 -5.45 16.44
C THR B 80 13.30 -6.76 15.69
N THR B 81 12.82 -6.66 14.45
CA THR B 81 12.81 -7.80 13.56
C THR B 81 13.47 -7.32 12.27
N VAL B 82 14.50 -8.02 11.84
CA VAL B 82 15.22 -7.62 10.64
C VAL B 82 14.88 -8.59 9.56
N LEU B 83 14.18 -8.13 8.53
CA LEU B 83 13.72 -8.98 7.45
C LEU B 83 14.60 -8.72 6.23
N LEU B 84 15.32 -9.75 5.77
CA LEU B 84 16.26 -9.59 4.66
C LEU B 84 15.77 -10.22 3.37
N ALA B 85 16.10 -9.61 2.25
CA ALA B 85 15.87 -10.21 0.94
C ALA B 85 16.93 -11.31 0.69
N ASP B 86 18.07 -11.23 1.38
CA ASP B 86 19.19 -12.15 1.17
C ASP B 86 19.98 -12.29 2.46
N ILE B 87 19.95 -13.49 3.04
CA ILE B 87 20.60 -13.80 4.31
C ILE B 87 22.10 -13.51 4.27
N ASN B 88 22.68 -13.52 3.07
CA ASN B 88 24.10 -13.27 2.95
C ASN B 88 24.48 -11.81 3.21
N ASP B 89 23.49 -10.95 3.34
CA ASP B 89 23.73 -9.52 3.58
C ASP B 89 23.92 -9.22 5.07
N PHE B 90 23.84 -10.23 5.92
CA PHE B 90 23.84 -9.99 7.37
C PHE B 90 25.01 -9.15 7.87
N ASN B 91 26.21 -9.41 7.38
CA ASN B 91 27.40 -8.72 7.88
C ASN B 91 27.30 -7.24 7.58
N THR B 92 26.96 -6.94 6.32
CA THR B 92 26.73 -5.57 5.87
C THR B 92 25.64 -4.90 6.71
N VAL B 93 24.52 -5.59 6.94
CA VAL B 93 23.41 -5.02 7.67
C VAL B 93 23.78 -4.77 9.12
N ASN B 94 24.50 -5.70 9.74
CA ASN B 94 24.85 -5.53 11.14
C ASN B 94 25.77 -4.33 11.29
N GLU B 95 26.65 -4.13 10.33
CA GLU B 95 27.58 -3.04 10.47
C GLU B 95 26.85 -1.70 10.54
N ILE B 96 25.81 -1.58 9.73
CA ILE B 96 24.98 -0.39 9.69
C ILE B 96 24.10 -0.31 10.94
N TYR B 97 23.48 -1.44 11.29
CA TYR B 97 22.61 -1.50 12.46
C TYR B 97 23.33 -0.95 13.71
N LYS B 98 24.61 -1.32 13.89
CA LYS B 98 25.42 -0.87 15.03
C LYS B 98 25.77 0.62 14.98
N GLN B 99 25.49 1.31 13.90
CA GLN B 99 25.78 2.75 13.91
C GLN B 99 24.61 3.47 14.58
N TYR B 100 23.48 2.78 14.67
CA TYR B 100 22.28 3.34 15.25
C TYR B 100 21.98 2.80 16.64
N PHE B 101 22.15 1.49 16.82
CA PHE B 101 21.93 0.84 18.11
C PHE B 101 23.28 0.53 18.71
N LYS B 102 23.69 1.26 19.74
CA LYS B 102 25.07 1.13 20.22
C LYS B 102 25.36 0.34 21.47
N SER B 103 24.36 0.00 22.27
CA SER B 103 24.62 -0.71 23.51
C SER B 103 23.28 -1.10 24.03
N ASN B 104 23.22 -1.88 25.11
CA ASN B 104 21.97 -2.40 25.65
C ASN B 104 21.07 -2.69 24.42
N PHE B 105 21.54 -3.54 23.51
CA PHE B 105 20.88 -3.78 22.25
C PHE B 105 19.50 -4.37 22.44
N PRO B 106 18.60 -4.08 21.52
CA PRO B 106 17.29 -4.69 21.53
C PRO B 106 17.39 -6.21 21.37
N ALA B 107 16.37 -6.92 21.86
CA ALA B 107 16.22 -8.30 21.51
C ALA B 107 16.00 -8.26 20.02
N ARG B 108 16.24 -9.35 19.31
CA ARG B 108 16.09 -9.34 17.85
C ARG B 108 15.73 -10.69 17.25
N ALA B 109 14.91 -10.68 16.19
CA ALA B 109 14.70 -11.85 15.32
C ALA B 109 15.23 -11.41 13.94
N ALA B 110 15.82 -12.31 13.17
CA ALA B 110 16.32 -11.98 11.85
C ALA B 110 16.23 -13.21 10.96
N TYR B 111 15.83 -13.01 9.72
CA TYR B 111 15.67 -14.10 8.75
C TYR B 111 15.47 -13.53 7.37
N GLN B 112 15.64 -14.37 6.36
CA GLN B 112 15.42 -13.96 4.98
C GLN B 112 13.98 -14.31 4.61
N VAL B 113 13.28 -13.37 3.97
CA VAL B 113 11.92 -13.60 3.47
C VAL B 113 11.97 -13.75 1.96
N ALA B 114 10.83 -14.02 1.34
CA ALA B 114 10.78 -14.26 -0.10
C ALA B 114 10.76 -12.96 -0.89
N ALA B 115 10.05 -11.97 -0.38
CA ALA B 115 9.99 -10.66 -1.00
C ALA B 115 9.47 -9.66 0.02
N LEU B 116 9.81 -8.40 -0.24
CA LEU B 116 9.44 -7.28 0.60
C LEU B 116 8.71 -6.24 -0.25
N PRO B 117 7.96 -5.34 0.36
CA PRO B 117 7.26 -4.31 -0.39
C PRO B 117 8.20 -3.48 -1.27
N LYS B 118 7.75 -3.20 -2.48
CA LYS B 118 8.50 -2.35 -3.42
C LYS B 118 9.81 -2.97 -3.85
N GLY B 119 9.98 -4.26 -3.62
CA GLY B 119 11.22 -4.91 -3.98
C GLY B 119 12.40 -4.50 -3.10
N SER B 120 12.10 -4.03 -1.89
CA SER B 120 13.14 -3.63 -0.94
C SER B 120 14.04 -4.79 -0.56
N ARG B 121 15.25 -4.46 -0.12
CA ARG B 121 16.24 -5.47 0.29
C ARG B 121 16.22 -5.73 1.79
N ILE B 122 15.50 -4.87 2.53
CA ILE B 122 15.43 -4.98 3.98
C ILE B 122 14.20 -4.23 4.51
N GLU B 123 13.60 -4.80 5.54
CA GLU B 123 12.50 -4.17 6.24
C GLU B 123 12.79 -4.39 7.72
N ILE B 124 12.69 -3.34 8.52
CA ILE B 124 12.98 -3.45 9.94
C ILE B 124 11.80 -2.95 10.76
N GLU B 125 11.19 -3.82 11.55
CA GLU B 125 10.14 -3.40 12.49
C GLU B 125 10.73 -3.29 13.89
N ALA B 126 10.01 -2.65 14.80
CA ALA B 126 10.50 -2.47 16.17
C ALA B 126 9.41 -2.22 17.19
N VAL B 127 9.73 -2.51 18.44
CA VAL B 127 8.92 -2.13 19.58
C VAL B 127 9.83 -1.28 20.46
N ALA B 128 9.33 -0.13 20.89
CA ALA B 128 10.07 0.74 21.78
C ALA B 128 9.20 1.04 23.00
N ILE B 129 9.84 1.49 24.07
CA ILE B 129 9.12 1.88 25.27
C ILE B 129 9.42 3.35 25.61
N GLN B 130 8.37 4.15 25.75
CA GLN B 130 8.52 5.56 26.05
C GLN B 130 9.16 5.77 27.42
N GLY B 131 10.13 6.70 27.50
CA GLY B 131 10.86 6.95 28.72
C GLY B 131 10.06 7.85 29.66
N PRO B 132 10.58 8.12 30.86
CA PRO B 132 11.90 7.70 31.32
C PRO B 132 12.07 6.23 31.55
N LEU B 133 13.26 5.77 31.17
CA LEU B 133 13.68 4.40 31.30
C LEU B 133 15.02 4.43 32.02
N THR B 134 15.16 3.57 33.02
CA THR B 134 16.44 3.44 33.71
C THR B 134 16.91 1.99 33.59
N THR B 135 18.14 1.79 33.12
CA THR B 135 18.64 0.43 32.93
C THR B 135 19.42 -0.10 34.14
N ALA B 136 19.22 -1.38 34.44
CA ALA B 136 19.93 -2.03 35.55
C ALA B 136 21.44 -1.99 35.35
N SER C 3 6.71 6.49 37.31
CA SER C 3 6.97 7.20 36.03
C SER C 3 8.16 6.54 35.30
N SER C 4 9.32 6.42 35.94
CA SER C 4 10.41 5.71 35.29
C SER C 4 10.25 4.19 35.37
N LEU C 5 10.45 3.53 34.23
CA LEU C 5 10.39 2.07 34.13
C LEU C 5 11.81 1.56 34.00
N ILE C 6 12.12 0.44 34.61
CA ILE C 6 13.47 -0.09 34.45
C ILE C 6 13.46 -1.09 33.30
N ARG C 7 14.51 -1.01 32.51
CA ARG C 7 14.71 -1.88 31.40
C ARG C 7 15.87 -2.75 31.84
N ARG C 8 15.72 -4.05 31.74
CA ARG C 8 16.76 -4.98 32.14
C ARG C 8 17.12 -5.90 30.98
N VAL C 9 18.40 -5.96 30.63
CA VAL C 9 18.84 -6.89 29.64
C VAL C 9 19.03 -8.22 30.33
N ILE C 10 18.45 -9.28 29.79
CA ILE C 10 18.64 -10.61 30.33
C ILE C 10 19.88 -11.20 29.67
N SER C 11 20.76 -11.78 30.48
CA SER C 11 21.98 -12.37 29.98
C SER C 11 22.27 -13.65 30.76
N THR C 12 22.55 -14.77 30.09
CA THR C 12 22.93 -15.99 30.80
C THR C 12 23.88 -16.83 29.96
N ALA C 13 24.93 -17.38 30.58
CA ALA C 13 25.88 -18.22 29.85
C ALA C 13 25.25 -19.55 29.58
N LYS C 14 24.09 -19.80 30.18
CA LYS C 14 23.39 -21.07 29.93
C LYS C 14 22.70 -21.09 28.55
N ALA C 15 22.66 -19.96 27.86
CA ALA C 15 22.21 -19.93 26.48
C ALA C 15 23.33 -19.33 25.63
N PRO C 16 23.28 -19.52 24.32
CA PRO C 16 24.34 -19.02 23.44
C PRO C 16 24.46 -17.52 23.54
N GLY C 17 25.70 -17.04 23.59
CA GLY C 17 25.93 -15.62 23.65
C GLY C 17 25.57 -15.04 22.28
N ALA C 18 25.24 -13.75 22.26
CA ALA C 18 24.90 -13.08 21.00
C ALA C 18 26.06 -13.09 19.99
N ILE C 19 25.76 -13.38 18.72
CA ILE C 19 26.80 -13.33 17.67
C ILE C 19 26.52 -12.15 16.72
N GLY C 20 25.80 -11.15 17.22
CA GLY C 20 25.41 -9.99 16.45
C GLY C 20 25.08 -8.89 17.45
N PRO C 21 24.62 -7.73 17.01
CA PRO C 21 24.25 -6.65 17.90
C PRO C 21 22.86 -6.83 18.55
N TYR C 22 22.66 -7.83 19.37
CA TYR C 22 21.38 -8.03 20.02
C TYR C 22 21.61 -8.58 21.40
N SER C 23 20.57 -8.49 22.24
CA SER C 23 20.58 -9.07 23.56
C SER C 23 19.72 -10.35 23.53
N GLN C 24 19.99 -11.28 24.44
CA GLN C 24 19.20 -12.52 24.50
C GLN C 24 17.72 -12.19 24.76
N ALA C 25 17.48 -11.23 25.64
CA ALA C 25 16.13 -10.77 25.96
C ALA C 25 16.18 -9.47 26.70
N VAL C 26 15.09 -8.73 26.60
CA VAL C 26 14.97 -7.47 27.26
C VAL C 26 13.66 -7.49 28.04
N LEU C 27 13.73 -7.17 29.31
CA LEU C 27 12.56 -7.07 30.16
C LEU C 27 12.25 -5.60 30.45
N VAL C 28 11.01 -5.19 30.24
CA VAL C 28 10.61 -3.84 30.62
C VAL C 28 9.18 -3.83 31.19
N ASP C 29 8.99 -3.35 32.42
CA ASP C 29 7.64 -3.27 33.01
C ASP C 29 6.85 -4.58 32.91
N ARG C 30 7.54 -5.69 33.06
CA ARG C 30 6.89 -7.00 33.08
C ARG C 30 6.89 -7.76 31.80
N THR C 31 7.15 -7.09 30.70
CA THR C 31 7.14 -7.78 29.42
C THR C 31 8.56 -8.09 29.05
N ILE C 32 8.77 -9.33 28.64
CA ILE C 32 10.05 -9.84 28.26
C ILE C 32 9.97 -10.21 26.77
N TYR C 33 10.79 -9.54 25.97
CA TYR C 33 10.88 -9.77 24.52
C TYR C 33 12.08 -10.66 24.35
N ILE C 34 11.88 -11.87 23.85
CA ILE C 34 12.98 -12.84 23.76
C ILE C 34 13.46 -12.95 22.32
N SER C 35 14.73 -12.83 22.10
CA SER C 35 15.28 -12.94 20.74
C SER C 35 14.96 -14.29 20.12
N GLY C 36 14.97 -14.37 18.80
CA GLY C 36 14.87 -15.63 18.09
C GLY C 36 15.99 -16.59 18.50
N GLN C 37 15.62 -17.78 18.92
CA GLN C 37 16.59 -18.78 19.34
C GLN C 37 16.71 -19.83 18.26
N ILE C 38 17.92 -20.27 18.02
CA ILE C 38 18.20 -21.35 17.08
C ILE C 38 18.88 -22.49 17.86
N GLY C 39 19.10 -23.61 17.19
CA GLY C 39 19.65 -24.78 17.82
C GLY C 39 21.14 -24.76 18.11
N MET C 40 21.67 -23.62 18.56
CA MET C 40 23.08 -23.49 18.87
C MET C 40 23.39 -23.99 20.31
N ASP C 41 24.52 -24.66 20.45
CA ASP C 41 24.97 -25.11 21.75
C ASP C 41 25.80 -24.01 22.38
N PRO C 42 25.44 -23.62 23.59
CA PRO C 42 26.09 -22.53 24.31
C PRO C 42 27.58 -22.68 24.44
N SER C 43 28.07 -23.88 24.68
CA SER C 43 29.48 -24.03 24.92
C SER C 43 30.36 -24.09 23.64
N SER C 44 29.79 -24.44 22.50
CA SER C 44 30.56 -24.44 21.26
C SER C 44 30.19 -23.23 20.44
N GLY C 45 28.98 -22.75 20.63
CA GLY C 45 28.53 -21.64 19.83
C GLY C 45 28.31 -22.12 18.40
N GLN C 46 27.98 -23.41 18.24
CA GLN C 46 27.72 -24.03 16.94
C GLN C 46 26.38 -24.79 16.98
N LEU C 47 25.71 -24.85 15.83
CA LEU C 47 24.46 -25.57 15.76
C LEU C 47 24.70 -27.01 16.13
N VAL C 48 23.75 -27.62 16.81
CA VAL C 48 23.87 -29.03 17.08
C VAL C 48 23.65 -29.80 15.77
N SER C 49 24.13 -31.03 15.74
CA SER C 49 23.97 -31.86 14.55
C SER C 49 22.65 -32.58 14.66
N GLY C 50 22.20 -33.17 13.56
CA GLY C 50 20.98 -33.96 13.58
C GLY C 50 19.79 -33.36 12.86
N GLY C 51 19.85 -32.10 12.50
CA GLY C 51 18.74 -31.49 11.78
C GLY C 51 17.67 -30.88 12.67
N VAL C 52 16.49 -30.65 12.07
CA VAL C 52 15.43 -29.86 12.67
C VAL C 52 14.94 -30.35 14.03
N ALA C 53 14.82 -31.66 14.17
CA ALA C 53 14.35 -32.19 15.44
C ALA C 53 15.36 -31.82 16.52
N GLU C 54 16.63 -32.05 16.24
CA GLU C 54 17.65 -31.76 17.25
C GLU C 54 17.78 -30.27 17.47
N GLU C 55 17.70 -29.50 16.38
CA GLU C 55 17.78 -28.03 16.51
C GLU C 55 16.59 -27.44 17.29
N ALA C 56 15.39 -27.97 17.09
CA ALA C 56 14.20 -27.46 17.79
C ALA C 56 14.31 -27.69 19.30
N LYS C 57 14.73 -28.89 19.68
CA LYS C 57 14.92 -29.18 21.10
C LYS C 57 15.94 -28.23 21.71
N GLN C 58 17.07 -28.03 21.01
CA GLN C 58 18.10 -27.14 21.53
C GLN C 58 17.61 -25.68 21.60
N ALA C 59 16.90 -25.23 20.57
CA ALA C 59 16.39 -23.84 20.55
C ALA C 59 15.43 -23.61 21.74
N LEU C 60 14.55 -24.57 22.00
CA LEU C 60 13.63 -24.43 23.12
C LEU C 60 14.41 -24.47 24.44
N LYS C 61 15.41 -25.35 24.53
CA LYS C 61 16.20 -25.44 25.74
C LYS C 61 16.86 -24.07 25.98
N ASN C 62 17.39 -23.45 24.92
CA ASN C 62 18.03 -22.14 25.07
C ASN C 62 17.01 -21.10 25.54
N MET C 63 15.78 -21.18 25.01
CA MET C 63 14.73 -20.26 25.39
C MET C 63 14.42 -20.45 26.86
N GLY C 64 14.39 -21.70 27.33
CA GLY C 64 14.08 -21.98 28.72
C GLY C 64 15.07 -21.41 29.71
N GLU C 65 16.35 -21.47 29.34
CA GLU C 65 17.38 -20.91 30.20
C GLU C 65 17.25 -19.39 30.29
N ILE C 66 16.91 -18.74 29.17
CA ILE C 66 16.74 -17.29 29.12
C ILE C 66 15.53 -16.91 29.99
N LEU C 67 14.47 -17.71 29.92
CA LEU C 67 13.29 -17.50 30.78
C LEU C 67 13.65 -17.64 32.26
N LYS C 68 14.38 -18.70 32.62
CA LYS C 68 14.81 -18.90 33.99
C LYS C 68 15.66 -17.72 34.45
N ALA C 69 16.52 -17.21 33.59
CA ALA C 69 17.37 -16.11 33.99
C ALA C 69 16.53 -14.85 34.28
N ALA C 70 15.30 -14.82 33.77
CA ALA C 70 14.41 -13.68 34.08
C ALA C 70 13.39 -14.05 35.17
N GLY C 71 13.57 -15.18 35.83
CA GLY C 71 12.65 -15.58 36.89
C GLY C 71 11.34 -16.19 36.39
N CYS C 72 11.38 -16.71 35.16
CA CYS C 72 10.20 -17.28 34.54
C CYS C 72 10.41 -18.72 34.11
N ASP C 73 9.35 -19.33 33.59
CA ASP C 73 9.46 -20.64 32.95
C ASP C 73 8.54 -20.59 31.74
N PHE C 74 8.36 -21.72 31.08
CA PHE C 74 7.56 -21.72 29.86
C PHE C 74 6.10 -21.31 30.09
N THR C 75 5.60 -21.43 31.32
CA THR C 75 4.22 -21.02 31.56
C THR C 75 4.03 -19.50 31.42
N ASN C 76 5.12 -18.73 31.53
CA ASN C 76 5.05 -17.27 31.40
C ASN C 76 4.95 -16.78 29.95
N VAL C 77 5.13 -17.68 28.98
CA VAL C 77 5.16 -17.29 27.57
C VAL C 77 3.75 -17.02 27.09
N VAL C 78 3.51 -15.91 26.40
CA VAL C 78 2.16 -15.59 25.94
C VAL C 78 2.04 -15.60 24.42
N LYS C 79 3.16 -15.55 23.74
CA LYS C 79 3.17 -15.58 22.27
C LYS C 79 4.51 -16.11 21.77
N THR C 80 4.47 -16.93 20.71
CA THR C 80 5.68 -17.39 20.06
C THR C 80 5.52 -17.24 18.55
N THR C 81 6.65 -17.23 17.86
CA THR C 81 6.66 -17.32 16.41
C THR C 81 7.64 -18.44 16.06
N VAL C 82 7.18 -19.41 15.30
CA VAL C 82 8.01 -20.52 14.86
C VAL C 82 8.34 -20.33 13.37
N LEU C 83 9.61 -20.10 13.09
CA LEU C 83 10.08 -19.85 11.74
C LEU C 83 10.77 -21.11 11.26
N LEU C 84 10.27 -21.69 10.18
CA LEU C 84 10.76 -22.98 9.67
C LEU C 84 11.46 -22.78 8.36
N ALA C 85 12.49 -23.57 8.12
CA ALA C 85 13.15 -23.62 6.84
C ALA C 85 12.32 -24.46 5.89
N ASP C 86 11.47 -25.34 6.45
CA ASP C 86 10.62 -26.26 5.69
C ASP C 86 9.29 -26.48 6.42
N ILE C 87 8.21 -26.04 5.80
CA ILE C 87 6.87 -26.18 6.34
C ILE C 87 6.55 -27.64 6.66
N ASN C 88 7.12 -28.57 5.93
CA ASN C 88 6.81 -29.97 6.15
C ASN C 88 7.41 -30.48 7.49
N ASP C 89 8.26 -29.67 8.12
CA ASP C 89 8.83 -30.04 9.42
C ASP C 89 7.84 -29.71 10.55
N PHE C 90 6.70 -29.11 10.21
CA PHE C 90 5.80 -28.66 11.25
C PHE C 90 5.44 -29.74 12.28
N ASN C 91 5.02 -30.91 11.82
CA ASN C 91 4.56 -31.94 12.77
C ASN C 91 5.66 -32.35 13.73
N THR C 92 6.87 -32.51 13.18
CA THR C 92 8.02 -32.88 14.00
C THR C 92 8.29 -31.81 15.05
N VAL C 93 8.21 -30.57 14.63
CA VAL C 93 8.46 -29.49 15.56
C VAL C 93 7.36 -29.34 16.60
N ASN C 94 6.12 -29.52 16.17
CA ASN C 94 4.99 -29.43 17.07
C ASN C 94 5.05 -30.48 18.19
N GLU C 95 5.47 -31.70 17.87
CA GLU C 95 5.55 -32.73 18.90
C GLU C 95 6.60 -32.36 19.95
N ILE C 96 7.68 -31.73 19.52
CA ILE C 96 8.71 -31.29 20.45
C ILE C 96 8.22 -30.08 21.27
N TYR C 97 7.58 -29.14 20.60
CA TYR C 97 7.00 -27.97 21.23
C TYR C 97 6.10 -28.35 22.40
N LYS C 98 5.34 -29.43 22.23
CA LYS C 98 4.42 -29.91 23.28
C LYS C 98 5.14 -30.50 24.50
N GLN C 99 6.42 -30.77 24.40
CA GLN C 99 7.20 -31.23 25.55
C GLN C 99 7.45 -30.06 26.51
N TYR C 100 7.30 -28.83 26.01
CA TYR C 100 7.59 -27.65 26.80
C TYR C 100 6.39 -26.83 27.19
N PHE C 101 5.38 -26.77 26.33
CA PHE C 101 4.17 -26.00 26.61
C PHE C 101 3.07 -27.02 26.83
N LYS C 102 2.47 -26.98 28.02
CA LYS C 102 1.53 -28.01 28.45
C LYS C 102 0.05 -27.63 28.65
N SER C 103 -0.25 -26.33 28.83
CA SER C 103 -1.62 -25.87 28.97
C SER C 103 -1.59 -24.35 28.93
N ASN C 104 -2.75 -23.67 28.84
CA ASN C 104 -2.77 -22.20 28.79
C ASN C 104 -1.74 -21.77 27.72
N PHE C 105 -1.87 -22.35 26.54
CA PHE C 105 -0.87 -22.27 25.50
C PHE C 105 -0.70 -20.84 24.98
N PRO C 106 0.52 -20.51 24.58
CA PRO C 106 0.76 -19.22 23.95
C PRO C 106 0.01 -19.08 22.65
N ALA C 107 -0.26 -17.84 22.31
CA ALA C 107 -0.71 -17.55 20.99
C ALA C 107 0.48 -17.85 20.06
N ARG C 108 0.22 -18.10 18.80
CA ARG C 108 1.31 -18.52 17.93
C ARG C 108 1.14 -18.15 16.47
N ALA C 109 2.28 -17.93 15.80
CA ALA C 109 2.33 -17.80 14.37
C ALA C 109 3.41 -18.78 13.91
N ALA C 110 3.16 -19.42 12.78
CA ALA C 110 4.14 -20.36 12.21
C ALA C 110 4.14 -20.26 10.70
N TYR C 111 5.32 -20.34 10.14
CA TYR C 111 5.44 -20.26 8.69
C TYR C 111 6.85 -20.62 8.25
N GLN C 112 6.99 -20.84 6.94
CA GLN C 112 8.29 -21.19 6.35
C GLN C 112 8.92 -19.91 5.81
N VAL C 113 10.19 -19.65 6.12
CA VAL C 113 10.91 -18.50 5.59
C VAL C 113 11.91 -18.97 4.55
N ALA C 114 12.59 -18.05 3.88
CA ALA C 114 13.52 -18.44 2.83
C ALA C 114 14.84 -19.00 3.39
N ALA C 115 15.33 -18.42 4.49
CA ALA C 115 16.62 -18.82 5.07
C ALA C 115 16.71 -18.27 6.49
N LEU C 116 17.43 -19.01 7.36
CA LEU C 116 17.64 -18.60 8.74
C LEU C 116 19.13 -18.42 9.01
N PRO C 117 19.50 -17.71 10.05
CA PRO C 117 20.93 -17.52 10.33
C PRO C 117 21.65 -18.85 10.52
N LYS C 118 22.88 -18.87 10.02
CA LYS C 118 23.80 -20.02 10.10
C LYS C 118 23.27 -21.30 9.49
N GLY C 119 22.34 -21.22 8.54
CA GLY C 119 21.81 -22.43 7.94
C GLY C 119 20.84 -23.24 8.81
N SER C 120 20.36 -22.63 9.90
CA SER C 120 19.45 -23.24 10.84
C SER C 120 18.17 -23.72 10.18
N ARG C 121 17.53 -24.72 10.76
CA ARG C 121 16.28 -25.25 10.19
C ARG C 121 15.11 -24.66 10.94
N ILE C 122 15.38 -24.00 12.05
CA ILE C 122 14.31 -23.39 12.84
C ILE C 122 14.79 -22.25 13.73
N GLU C 123 13.92 -21.24 13.90
CA GLU C 123 14.19 -20.13 14.78
C GLU C 123 12.90 -19.87 15.55
N ILE C 124 12.97 -19.68 16.86
CA ILE C 124 11.74 -19.43 17.63
C ILE C 124 11.90 -18.19 18.51
N GLU C 125 11.01 -17.22 18.34
CA GLU C 125 11.01 -16.05 19.19
C GLU C 125 9.78 -16.07 20.07
N ALA C 126 9.78 -15.26 21.11
CA ALA C 126 8.68 -15.25 22.05
C ALA C 126 8.56 -13.95 22.83
N VAL C 127 7.37 -13.79 23.41
CA VAL C 127 7.09 -12.72 24.34
C VAL C 127 6.60 -13.46 25.58
N ALA C 128 7.09 -13.06 26.76
CA ALA C 128 6.69 -13.70 28.01
C ALA C 128 6.40 -12.59 28.99
N ILE C 129 5.61 -12.88 30.02
CA ILE C 129 5.26 -11.89 31.02
C ILE C 129 5.65 -12.40 32.40
N GLN C 130 6.33 -11.56 33.16
CA GLN C 130 6.79 -11.87 34.50
C GLN C 130 5.57 -12.10 35.41
N GLY C 131 5.51 -13.23 36.11
CA GLY C 131 4.41 -13.51 37.00
C GLY C 131 4.50 -12.76 38.33
N PRO C 132 3.61 -13.11 39.26
CA PRO C 132 2.67 -14.21 39.08
C PRO C 132 1.54 -13.85 38.14
N LEU C 133 1.16 -14.82 37.32
CA LEU C 133 0.08 -14.65 36.38
C LEU C 133 -1.04 -15.51 36.87
N THR C 134 -2.24 -14.96 36.97
CA THR C 134 -3.42 -15.74 37.35
C THR C 134 -4.60 -15.56 36.38
N THR C 135 -5.61 -16.40 36.59
CA THR C 135 -6.86 -16.35 35.85
C THR C 135 -7.91 -15.48 36.53
N ALA C 136 -7.84 -15.42 37.86
CA ALA C 136 -8.82 -14.66 38.64
C ALA C 136 -8.30 -13.26 39.01
N SER D 3 18.48 0.98 -20.05
CA SER D 3 18.69 -0.50 -19.90
C SER D 3 17.52 -1.27 -19.22
N SER D 4 17.09 -0.82 -18.05
CA SER D 4 15.94 -1.42 -17.36
C SER D 4 14.65 -1.52 -18.18
N LEU D 5 13.97 -2.64 -18.00
CA LEU D 5 12.63 -2.81 -18.56
C LEU D 5 11.76 -2.98 -17.34
N ILE D 6 10.56 -2.42 -17.38
CA ILE D 6 9.67 -2.52 -16.24
C ILE D 6 8.85 -3.81 -16.36
N ARG D 7 8.86 -4.61 -15.31
CA ARG D 7 8.01 -5.79 -15.26
C ARG D 7 6.90 -5.50 -14.27
N ARG D 8 5.67 -5.80 -14.63
CA ARG D 8 4.56 -5.60 -13.73
C ARG D 8 3.83 -6.93 -13.62
N VAL D 9 3.38 -7.28 -12.41
CA VAL D 9 2.64 -8.52 -12.20
C VAL D 9 1.17 -8.17 -11.99
N ILE D 10 0.27 -8.85 -12.69
CA ILE D 10 -1.16 -8.64 -12.55
C ILE D 10 -1.72 -9.56 -11.49
N SER D 11 -2.47 -8.99 -10.55
CA SER D 11 -3.16 -9.78 -9.53
C SER D 11 -4.47 -9.07 -9.19
N THR D 12 -5.57 -9.57 -9.74
CA THR D 12 -6.88 -8.93 -9.53
C THR D 12 -7.85 -9.93 -8.90
N ALA D 13 -8.65 -9.45 -7.96
CA ALA D 13 -9.68 -10.27 -7.31
C ALA D 13 -10.82 -10.63 -8.27
N LYS D 14 -10.91 -9.93 -9.38
CA LYS D 14 -11.98 -10.20 -10.36
C LYS D 14 -11.74 -11.43 -11.26
N ALA D 15 -10.56 -12.05 -11.15
CA ALA D 15 -10.26 -13.30 -11.82
C ALA D 15 -9.83 -14.22 -10.69
N PRO D 16 -9.88 -15.53 -10.87
CA PRO D 16 -9.52 -16.47 -9.82
C PRO D 16 -8.08 -16.27 -9.34
N GLY D 17 -7.90 -16.25 -8.02
CA GLY D 17 -6.61 -16.09 -7.43
C GLY D 17 -5.75 -17.31 -7.68
N ALA D 18 -4.46 -17.05 -7.83
CA ALA D 18 -3.50 -18.12 -7.97
C ALA D 18 -3.47 -18.88 -6.64
N ILE D 19 -3.32 -20.20 -6.70
CA ILE D 19 -3.16 -20.97 -5.47
C ILE D 19 -1.86 -21.79 -5.54
N GLY D 20 -0.93 -21.26 -6.32
CA GLY D 20 0.37 -21.88 -6.52
C GLY D 20 1.36 -20.82 -6.99
N PRO D 21 2.55 -21.26 -7.34
CA PRO D 21 3.65 -20.36 -7.68
C PRO D 21 3.58 -19.84 -9.11
N TYR D 22 2.50 -19.14 -9.43
CA TYR D 22 2.28 -18.54 -10.72
C TYR D 22 1.53 -17.24 -10.54
N SER D 23 1.68 -16.33 -11.50
CA SER D 23 0.96 -15.09 -11.50
C SER D 23 -0.13 -15.16 -12.56
N GLN D 24 -1.19 -14.37 -12.36
CA GLN D 24 -2.26 -14.29 -13.37
C GLN D 24 -1.73 -13.86 -14.74
N ALA D 25 -0.87 -12.84 -14.73
CA ALA D 25 -0.19 -12.41 -15.95
C ALA D 25 1.06 -11.64 -15.55
N VAL D 26 1.97 -11.55 -16.51
CA VAL D 26 3.20 -10.79 -16.33
C VAL D 26 3.37 -9.92 -17.57
N LEU D 27 3.51 -8.62 -17.34
CA LEU D 27 3.75 -7.66 -18.40
C LEU D 27 5.20 -7.19 -18.31
N VAL D 28 5.92 -7.22 -19.42
CA VAL D 28 7.27 -6.70 -19.51
C VAL D 28 7.37 -5.95 -20.84
N ASP D 29 7.76 -4.68 -20.83
CA ASP D 29 7.92 -3.93 -22.08
C ASP D 29 6.78 -4.06 -23.07
N ARG D 30 5.56 -3.87 -22.61
CA ARG D 30 4.38 -3.92 -23.47
C ARG D 30 3.84 -5.29 -23.84
N THR D 31 4.56 -6.38 -23.59
CA THR D 31 4.04 -7.71 -23.88
C THR D 31 3.50 -8.31 -22.59
N ILE D 32 2.26 -8.81 -22.63
CA ILE D 32 1.63 -9.39 -21.46
C ILE D 32 1.49 -10.89 -21.71
N TYR D 33 2.08 -11.71 -20.85
CA TYR D 33 1.95 -13.16 -20.93
C TYR D 33 0.87 -13.52 -19.92
N ILE D 34 -0.23 -14.10 -20.39
CA ILE D 34 -1.33 -14.41 -19.52
C ILE D 34 -1.40 -15.90 -19.28
N SER D 35 -1.48 -16.29 -18.02
CA SER D 35 -1.61 -17.70 -17.59
C SER D 35 -2.84 -18.38 -18.18
N GLY D 36 -2.78 -19.70 -18.28
CA GLY D 36 -3.93 -20.41 -18.83
C GLY D 36 -5.10 -20.21 -17.87
N GLN D 37 -6.25 -19.81 -18.42
CA GLN D 37 -7.44 -19.64 -17.63
C GLN D 37 -8.37 -20.82 -17.86
N ILE D 38 -9.02 -21.25 -16.79
CA ILE D 38 -10.06 -22.25 -16.88
C ILE D 38 -11.35 -21.60 -16.35
N GLY D 39 -12.48 -22.28 -16.50
CA GLY D 39 -13.78 -21.72 -16.14
C GLY D 39 -14.14 -21.71 -14.67
N MET D 40 -13.23 -21.22 -13.85
CA MET D 40 -13.46 -21.13 -12.43
C MET D 40 -14.16 -19.82 -12.14
N ASP D 41 -15.17 -19.88 -11.28
CA ASP D 41 -15.78 -18.66 -10.77
C ASP D 41 -14.76 -18.05 -9.78
N PRO D 42 -14.45 -16.79 -9.93
CA PRO D 42 -13.45 -16.16 -9.06
C PRO D 42 -13.81 -16.07 -7.59
N SER D 43 -15.08 -16.06 -7.24
CA SER D 43 -15.44 -15.95 -5.83
C SER D 43 -15.53 -17.27 -5.10
N SER D 44 -15.63 -18.37 -5.84
CA SER D 44 -15.73 -19.68 -5.21
C SER D 44 -14.45 -20.45 -5.46
N GLY D 45 -13.73 -20.07 -6.51
CA GLY D 45 -12.58 -20.85 -6.94
C GLY D 45 -13.00 -22.22 -7.46
N GLN D 46 -14.28 -22.42 -7.76
CA GLN D 46 -14.72 -23.70 -8.29
C GLN D 46 -15.14 -23.60 -9.77
N LEU D 47 -15.02 -24.70 -10.51
CA LEU D 47 -15.47 -24.68 -11.89
C LEU D 47 -16.96 -24.46 -11.92
N VAL D 48 -17.41 -23.63 -12.85
CA VAL D 48 -18.84 -23.47 -13.10
C VAL D 48 -19.35 -24.80 -13.65
N SER D 49 -20.61 -25.11 -13.41
CA SER D 49 -21.16 -26.37 -13.90
C SER D 49 -21.66 -26.20 -15.31
N GLY D 50 -21.82 -27.32 -15.98
CA GLY D 50 -22.45 -27.30 -17.28
C GLY D 50 -21.53 -27.67 -18.44
N GLY D 51 -20.28 -28.01 -18.16
CA GLY D 51 -19.42 -28.45 -19.25
C GLY D 51 -18.79 -27.32 -20.07
N VAL D 52 -18.37 -27.65 -21.29
CA VAL D 52 -17.49 -26.79 -22.07
C VAL D 52 -18.08 -25.43 -22.42
N ALA D 53 -19.38 -25.36 -22.75
CA ALA D 53 -19.99 -24.07 -23.08
C ALA D 53 -19.89 -23.06 -21.91
N GLU D 54 -20.38 -23.46 -20.74
CA GLU D 54 -20.31 -22.60 -19.57
C GLU D 54 -18.86 -22.33 -19.13
N GLU D 55 -18.01 -23.34 -19.23
CA GLU D 55 -16.61 -23.17 -18.83
C GLU D 55 -15.88 -22.23 -19.76
N ALA D 56 -16.11 -22.33 -21.07
CA ALA D 56 -15.39 -21.46 -22.00
C ALA D 56 -15.76 -19.99 -21.79
N LYS D 57 -17.04 -19.74 -21.57
CA LYS D 57 -17.51 -18.39 -21.27
C LYS D 57 -16.82 -17.82 -20.03
N GLN D 58 -16.76 -18.61 -18.96
CA GLN D 58 -16.15 -18.17 -17.70
C GLN D 58 -14.66 -17.99 -17.86
N ALA D 59 -14.00 -18.90 -18.55
CA ALA D 59 -12.56 -18.76 -18.83
C ALA D 59 -12.26 -17.47 -19.60
N LEU D 60 -13.08 -17.18 -20.59
CA LEU D 60 -12.89 -15.95 -21.34
C LEU D 60 -13.16 -14.72 -20.48
N LYS D 61 -14.19 -14.77 -19.65
CA LYS D 61 -14.49 -13.69 -18.74
C LYS D 61 -13.29 -13.45 -17.80
N ASN D 62 -12.70 -14.53 -17.30
CA ASN D 62 -11.50 -14.45 -16.46
C ASN D 62 -10.34 -13.74 -17.20
N MET D 63 -10.08 -14.14 -18.44
CA MET D 63 -9.05 -13.50 -19.23
C MET D 63 -9.28 -12.01 -19.39
N GLY D 64 -10.52 -11.66 -19.67
CA GLY D 64 -10.91 -10.27 -19.84
C GLY D 64 -10.65 -9.43 -18.62
N GLU D 65 -10.93 -9.97 -17.43
CA GLU D 65 -10.68 -9.21 -16.19
C GLU D 65 -9.18 -9.00 -15.95
N ILE D 66 -8.36 -9.98 -16.36
CA ILE D 66 -6.91 -9.85 -16.24
C ILE D 66 -6.45 -8.78 -17.21
N LEU D 67 -6.97 -8.83 -18.44
CA LEU D 67 -6.68 -7.80 -19.43
C LEU D 67 -7.09 -6.41 -18.92
N LYS D 68 -8.30 -6.32 -18.37
CA LYS D 68 -8.78 -5.03 -17.85
C LYS D 68 -7.83 -4.47 -16.76
N ALA D 69 -7.32 -5.36 -15.91
CA ALA D 69 -6.42 -4.95 -14.83
C ALA D 69 -5.15 -4.39 -15.41
N ALA D 70 -4.78 -4.87 -16.59
CA ALA D 70 -3.60 -4.39 -17.28
C ALA D 70 -3.94 -3.23 -18.21
N GLY D 71 -5.17 -2.74 -18.19
CA GLY D 71 -5.50 -1.61 -19.06
C GLY D 71 -5.58 -2.06 -20.53
N CYS D 72 -5.91 -3.31 -20.76
CA CYS D 72 -6.43 -3.72 -22.07
C CYS D 72 -7.73 -4.37 -22.15
N ASP D 73 -8.07 -4.74 -23.39
CA ASP D 73 -9.31 -5.47 -23.59
C ASP D 73 -8.96 -6.56 -24.57
N PHE D 74 -9.95 -7.31 -25.04
CA PHE D 74 -9.69 -8.43 -25.91
C PHE D 74 -9.01 -8.01 -27.23
N THR D 75 -9.16 -6.76 -27.62
CA THR D 75 -8.53 -6.29 -28.87
C THR D 75 -7.00 -6.26 -28.77
N ASN D 76 -6.45 -6.27 -27.57
CA ASN D 76 -5.00 -6.27 -27.42
C ASN D 76 -4.36 -7.65 -27.55
N VAL D 77 -5.17 -8.71 -27.54
CA VAL D 77 -4.63 -10.07 -27.65
C VAL D 77 -4.10 -10.34 -29.07
N VAL D 78 -2.89 -10.90 -29.16
CA VAL D 78 -2.30 -11.25 -30.44
C VAL D 78 -2.11 -12.74 -30.70
N LYS D 79 -2.17 -13.54 -29.65
CA LYS D 79 -2.02 -14.97 -29.76
C LYS D 79 -2.77 -15.67 -28.63
N THR D 80 -3.53 -16.72 -28.95
CA THR D 80 -4.11 -17.56 -27.90
C THR D 80 -3.73 -19.02 -28.15
N THR D 81 -3.78 -19.83 -27.12
CA THR D 81 -3.69 -21.28 -27.30
C THR D 81 -4.94 -21.83 -26.64
N VAL D 82 -5.69 -22.69 -27.32
CA VAL D 82 -6.94 -23.22 -26.77
C VAL D 82 -6.71 -24.69 -26.53
N LEU D 83 -6.77 -25.11 -25.28
CA LEU D 83 -6.56 -26.50 -24.90
C LEU D 83 -7.88 -27.12 -24.55
N LEU D 84 -8.27 -28.19 -25.24
CA LEU D 84 -9.56 -28.82 -24.98
C LEU D 84 -9.48 -30.23 -24.41
N ALA D 85 -10.51 -30.61 -23.65
CA ALA D 85 -10.68 -31.98 -23.18
C ALA D 85 -11.23 -32.84 -24.34
N ASP D 86 -11.80 -32.21 -25.36
CA ASP D 86 -12.37 -32.98 -26.48
C ASP D 86 -12.37 -32.09 -27.73
N ILE D 87 -11.62 -32.51 -28.74
CA ILE D 87 -11.49 -31.76 -30.01
C ILE D 87 -12.83 -31.49 -30.68
N ASN D 88 -13.80 -32.35 -30.46
CA ASN D 88 -15.10 -32.16 -31.10
C ASN D 88 -15.98 -31.05 -30.49
N ASP D 89 -15.47 -30.46 -29.41
CA ASP D 89 -16.13 -29.36 -28.76
C ASP D 89 -15.74 -28.03 -29.45
N PHE D 90 -14.94 -28.09 -30.51
CA PHE D 90 -14.47 -26.85 -31.13
C PHE D 90 -15.59 -25.98 -31.68
N ASN D 91 -16.58 -26.57 -32.34
CA ASN D 91 -17.67 -25.74 -32.88
C ASN D 91 -18.31 -24.88 -31.78
N THR D 92 -18.63 -25.50 -30.65
CA THR D 92 -19.20 -24.81 -29.51
C THR D 92 -18.29 -23.69 -28.98
N VAL D 93 -17.02 -24.04 -28.77
CA VAL D 93 -16.02 -23.13 -28.26
C VAL D 93 -15.82 -21.94 -29.22
N ASN D 94 -15.80 -22.19 -30.52
CA ASN D 94 -15.58 -21.10 -31.47
C ASN D 94 -16.71 -20.09 -31.42
N GLU D 95 -17.94 -20.59 -31.31
CA GLU D 95 -19.09 -19.70 -31.23
C GLU D 95 -19.00 -18.76 -30.02
N ILE D 96 -18.55 -19.28 -28.87
CA ILE D 96 -18.39 -18.50 -27.65
C ILE D 96 -17.20 -17.53 -27.79
N TYR D 97 -16.11 -18.03 -28.38
CA TYR D 97 -14.87 -17.29 -28.59
C TYR D 97 -15.21 -16.01 -29.34
N LYS D 98 -16.08 -16.12 -30.35
CA LYS D 98 -16.45 -14.95 -31.16
C LYS D 98 -17.31 -13.92 -30.47
N GLN D 99 -17.85 -14.23 -29.31
CA GLN D 99 -18.59 -13.23 -28.56
C GLN D 99 -17.60 -12.25 -27.90
N TYR D 100 -16.32 -12.65 -27.80
CA TYR D 100 -15.30 -11.82 -27.13
C TYR D 100 -14.25 -11.30 -28.11
N PHE D 101 -13.85 -12.13 -29.06
CA PHE D 101 -12.91 -11.74 -30.11
C PHE D 101 -13.75 -11.51 -31.38
N LYS D 102 -14.01 -10.24 -31.67
CA LYS D 102 -14.88 -9.79 -32.75
C LYS D 102 -14.29 -9.81 -34.16
N SER D 103 -13.06 -9.32 -34.28
CA SER D 103 -12.41 -9.18 -35.58
C SER D 103 -10.90 -9.10 -35.33
N ASN D 104 -10.10 -8.87 -36.36
CA ASN D 104 -8.65 -8.78 -36.22
C ASN D 104 -8.20 -9.85 -35.22
N PHE D 105 -8.56 -11.10 -35.51
CA PHE D 105 -8.41 -12.20 -34.55
C PHE D 105 -6.96 -12.48 -34.18
N PRO D 106 -6.75 -12.91 -32.96
CA PRO D 106 -5.42 -13.36 -32.58
C PRO D 106 -5.02 -14.56 -33.42
N ALA D 107 -3.71 -14.77 -33.57
CA ALA D 107 -3.18 -16.03 -34.07
C ALA D 107 -3.59 -17.04 -33.01
N ARG D 108 -3.68 -18.31 -33.37
CA ARG D 108 -4.12 -19.35 -32.44
C ARG D 108 -3.48 -20.70 -32.70
N ALA D 109 -3.33 -21.47 -31.62
CA ALA D 109 -3.01 -22.88 -31.68
C ALA D 109 -4.09 -23.59 -30.87
N ALA D 110 -4.41 -24.81 -31.27
CA ALA D 110 -5.51 -25.50 -30.66
C ALA D 110 -5.29 -26.99 -30.81
N TYR D 111 -5.56 -27.71 -29.72
CA TYR D 111 -5.41 -29.16 -29.69
C TYR D 111 -6.12 -29.73 -28.45
N GLN D 112 -6.34 -31.03 -28.47
CA GLN D 112 -6.93 -31.74 -27.32
C GLN D 112 -5.78 -32.31 -26.51
N VAL D 113 -5.81 -32.13 -25.21
CA VAL D 113 -4.81 -32.65 -24.32
C VAL D 113 -5.41 -33.82 -23.58
N ALA D 114 -4.60 -34.54 -22.81
CA ALA D 114 -5.05 -35.72 -22.09
C ALA D 114 -5.88 -35.36 -20.86
N ALA D 115 -5.50 -34.30 -20.17
CA ALA D 115 -6.23 -33.84 -19.01
C ALA D 115 -5.80 -32.44 -18.62
N LEU D 116 -6.75 -31.68 -18.08
CA LEU D 116 -6.55 -30.31 -17.66
C LEU D 116 -6.74 -30.16 -16.16
N PRO D 117 -6.20 -29.08 -15.57
CA PRO D 117 -6.38 -28.84 -14.15
C PRO D 117 -7.85 -28.90 -13.76
N LYS D 118 -8.14 -29.59 -12.66
CA LYS D 118 -9.48 -29.72 -12.06
C LYS D 118 -10.50 -30.48 -12.89
N GLY D 119 -10.06 -31.19 -13.92
CA GLY D 119 -10.96 -31.87 -14.81
C GLY D 119 -11.70 -30.90 -15.70
N SER D 120 -11.12 -29.73 -15.94
CA SER D 120 -11.66 -28.72 -16.86
C SER D 120 -11.84 -29.23 -18.28
N ARG D 121 -12.81 -28.66 -18.99
CA ARG D 121 -13.03 -28.99 -20.39
C ARG D 121 -12.21 -28.08 -21.34
N ILE D 122 -11.72 -26.96 -20.83
CA ILE D 122 -11.01 -26.00 -21.64
C ILE D 122 -10.06 -25.17 -20.79
N GLU D 123 -8.90 -24.87 -21.38
CA GLU D 123 -7.91 -23.99 -20.78
C GLU D 123 -7.43 -23.07 -21.91
N ILE D 124 -7.39 -21.76 -21.69
CA ILE D 124 -6.96 -20.79 -22.70
C ILE D 124 -5.83 -19.89 -22.21
N GLU D 125 -4.68 -19.91 -22.90
CA GLU D 125 -3.59 -18.99 -22.57
C GLU D 125 -3.53 -17.92 -23.68
N ALA D 126 -2.86 -16.82 -23.40
CA ALA D 126 -2.80 -15.74 -24.35
C ALA D 126 -1.55 -14.91 -24.20
N VAL D 127 -1.25 -14.18 -25.27
CA VAL D 127 -0.24 -13.15 -25.26
C VAL D 127 -0.97 -11.91 -25.77
N ALA D 128 -0.80 -10.80 -25.07
CA ALA D 128 -1.36 -9.53 -25.54
C ALA D 128 -0.28 -8.43 -25.58
N ILE D 129 -0.55 -7.38 -26.34
CA ILE D 129 0.37 -6.25 -26.40
C ILE D 129 -0.36 -5.02 -25.81
N GLN D 130 0.27 -4.37 -24.84
CA GLN D 130 -0.29 -3.21 -24.19
C GLN D 130 -0.35 -2.06 -25.21
N GLY D 131 -1.46 -1.32 -25.22
CA GLY D 131 -1.73 -0.33 -26.24
C GLY D 131 -0.96 0.95 -25.99
N PRO D 132 -1.04 1.92 -26.89
CA PRO D 132 -1.90 1.90 -28.09
C PRO D 132 -1.40 1.12 -29.28
N LEU D 133 -2.36 0.55 -30.01
CA LEU D 133 -2.11 -0.27 -31.20
C LEU D 133 -2.91 0.25 -32.38
N THR D 134 -2.32 0.20 -33.57
CA THR D 134 -3.02 0.56 -34.81
C THR D 134 -2.95 -0.58 -35.81
N THR D 135 -4.10 -0.95 -36.36
CA THR D 135 -4.12 -2.05 -37.33
C THR D 135 -4.30 -1.58 -38.76
N ALA D 136 -3.46 -2.10 -39.66
CA ALA D 136 -3.50 -1.72 -41.07
C ALA D 136 -4.40 -2.64 -41.91
N SER E 3 18.35 -0.75 -37.30
CA SER E 3 17.01 -1.42 -37.26
C SER E 3 17.22 -2.93 -37.16
N SER E 4 18.45 -3.36 -37.38
CA SER E 4 18.82 -4.74 -37.16
C SER E 4 18.56 -5.13 -35.72
N LEU E 5 18.23 -6.40 -35.54
CA LEU E 5 18.04 -6.93 -34.19
C LEU E 5 19.09 -8.00 -33.98
N ILE E 6 19.61 -8.08 -32.77
CA ILE E 6 20.65 -9.04 -32.49
C ILE E 6 20.03 -10.38 -32.08
N ARG E 7 20.35 -11.45 -32.78
CA ARG E 7 19.95 -12.79 -32.37
C ARG E 7 21.15 -13.54 -31.84
N ARG E 8 21.02 -14.16 -30.67
CA ARG E 8 22.08 -14.99 -30.14
C ARG E 8 21.52 -16.40 -29.86
N VAL E 9 22.27 -17.42 -30.27
CA VAL E 9 21.91 -18.82 -30.00
C VAL E 9 22.66 -19.29 -28.76
N ILE E 10 21.93 -19.82 -27.78
CA ILE E 10 22.58 -20.42 -26.64
C ILE E 10 22.95 -21.90 -26.87
N SER E 11 24.22 -22.21 -26.54
CA SER E 11 24.75 -23.55 -26.67
C SER E 11 25.80 -23.80 -25.61
N THR E 12 25.34 -24.40 -24.50
CA THR E 12 26.16 -24.64 -23.36
C THR E 12 26.26 -26.14 -23.05
N ALA E 13 27.45 -26.55 -22.62
CA ALA E 13 27.72 -27.94 -22.35
C ALA E 13 27.13 -28.31 -20.99
N LYS E 14 26.77 -27.30 -20.21
CA LYS E 14 26.20 -27.51 -18.87
C LYS E 14 24.72 -27.93 -18.87
N ALA E 15 24.11 -27.95 -20.04
CA ALA E 15 22.75 -28.47 -20.20
C ALA E 15 22.84 -29.52 -21.30
N PRO E 16 21.87 -30.43 -21.40
CA PRO E 16 21.93 -31.48 -22.39
C PRO E 16 22.05 -30.93 -23.81
N GLY E 17 23.01 -31.46 -24.54
CA GLY E 17 23.27 -30.99 -25.88
C GLY E 17 22.14 -31.34 -26.80
N ALA E 18 21.88 -30.46 -27.73
CA ALA E 18 20.88 -30.80 -28.73
C ALA E 18 21.35 -32.01 -29.54
N ILE E 19 20.39 -32.85 -29.90
CA ILE E 19 20.72 -33.93 -30.84
C ILE E 19 19.74 -33.90 -32.01
N GLY E 20 19.22 -32.72 -32.29
CA GLY E 20 18.31 -32.56 -33.40
C GLY E 20 18.34 -31.11 -33.84
N PRO E 21 17.47 -30.79 -34.77
CA PRO E 21 17.40 -29.47 -35.37
C PRO E 21 16.74 -28.45 -34.49
N TYR E 22 17.30 -28.23 -33.29
CA TYR E 22 16.84 -27.19 -32.40
C TYR E 22 18.03 -26.67 -31.62
N SER E 23 17.85 -25.49 -31.04
CA SER E 23 18.87 -24.95 -30.17
C SER E 23 18.29 -24.94 -28.76
N GLN E 24 19.18 -24.95 -27.77
CA GLN E 24 18.79 -24.86 -26.36
C GLN E 24 17.91 -23.62 -26.09
N ALA E 25 18.32 -22.43 -26.60
CA ALA E 25 17.53 -21.23 -26.48
C ALA E 25 17.95 -20.21 -27.58
N VAL E 26 17.07 -19.30 -27.92
CA VAL E 26 17.38 -18.28 -28.89
C VAL E 26 16.97 -16.97 -28.21
N LEU E 27 17.92 -16.06 -28.12
CA LEU E 27 17.70 -14.72 -27.59
C LEU E 27 17.60 -13.77 -28.77
N VAL E 28 16.55 -12.96 -28.80
CA VAL E 28 16.47 -11.87 -29.78
C VAL E 28 15.93 -10.60 -29.08
N ASP E 29 16.66 -9.50 -29.18
CA ASP E 29 16.27 -8.23 -28.53
C ASP E 29 15.73 -8.43 -27.10
N ARG E 30 16.50 -9.02 -26.23
CA ARG E 30 16.08 -9.21 -24.84
C ARG E 30 15.09 -10.32 -24.54
N THR E 31 14.36 -10.85 -25.51
CA THR E 31 13.49 -12.01 -25.24
C THR E 31 14.17 -13.33 -25.54
N ILE E 32 14.15 -14.22 -24.56
CA ILE E 32 14.81 -15.50 -24.66
C ILE E 32 13.77 -16.59 -24.73
N TYR E 33 13.74 -17.32 -25.84
CA TYR E 33 12.84 -18.45 -25.95
C TYR E 33 13.62 -19.71 -25.64
N ILE E 34 13.24 -20.42 -24.56
CA ILE E 34 13.98 -21.60 -24.13
C ILE E 34 13.28 -22.87 -24.54
N SER E 35 14.01 -23.82 -25.07
CA SER E 35 13.41 -25.08 -25.50
C SER E 35 12.82 -25.86 -24.32
N GLY E 36 11.94 -26.80 -24.62
CA GLY E 36 11.35 -27.64 -23.58
C GLY E 36 12.45 -28.48 -22.98
N GLN E 37 12.64 -28.37 -21.67
CA GLN E 37 13.66 -29.15 -21.00
C GLN E 37 13.06 -30.39 -20.34
N ILE E 38 13.75 -31.52 -20.39
CA ILE E 38 13.33 -32.73 -19.67
C ILE E 38 14.43 -33.07 -18.69
N GLY E 39 14.23 -34.08 -17.85
CA GLY E 39 15.15 -34.39 -16.76
C GLY E 39 16.36 -35.23 -17.16
N MET E 40 17.00 -34.78 -18.24
CA MET E 40 18.15 -35.48 -18.79
C MET E 40 19.48 -34.99 -18.22
N ASP E 41 20.28 -35.86 -17.62
CA ASP E 41 21.61 -35.46 -17.12
C ASP E 41 22.50 -35.02 -18.30
N PRO E 42 23.09 -33.83 -18.22
CA PRO E 42 23.85 -33.28 -19.36
C PRO E 42 25.05 -34.09 -19.79
N SER E 43 25.68 -34.81 -18.88
CA SER E 43 26.85 -35.59 -19.23
C SER E 43 26.54 -36.95 -19.86
N SER E 44 25.51 -37.62 -19.37
CA SER E 44 25.17 -38.93 -19.89
C SER E 44 24.09 -38.85 -20.96
N GLY E 45 23.45 -37.71 -21.04
CA GLY E 45 22.33 -37.57 -21.96
C GLY E 45 21.20 -38.57 -21.72
N GLN E 46 21.09 -39.13 -20.50
CA GLN E 46 20.01 -40.04 -20.18
C GLN E 46 19.15 -39.41 -19.05
N LEU E 47 17.89 -39.78 -19.02
CA LEU E 47 16.98 -39.30 -17.98
C LEU E 47 17.45 -39.75 -16.64
N VAL E 48 17.18 -38.93 -15.66
CA VAL E 48 17.57 -39.31 -14.31
C VAL E 48 16.63 -40.34 -13.78
N SER E 49 17.10 -40.97 -12.70
CA SER E 49 16.41 -42.09 -12.08
C SER E 49 15.59 -41.50 -11.00
N GLY E 50 14.33 -41.89 -11.00
CA GLY E 50 13.56 -41.81 -9.77
C GLY E 50 12.19 -41.11 -10.11
N GLY E 51 11.65 -41.08 -11.34
CA GLY E 51 10.29 -40.55 -11.53
C GLY E 51 10.19 -39.02 -11.68
N VAL E 52 8.97 -38.51 -11.65
CA VAL E 52 8.67 -37.08 -11.85
C VAL E 52 9.45 -36.14 -10.92
N ALA E 53 9.60 -36.46 -9.66
CA ALA E 53 10.26 -35.55 -8.71
C ALA E 53 11.71 -35.24 -9.13
N GLU E 54 12.49 -36.28 -9.33
CA GLU E 54 13.90 -36.11 -9.75
C GLU E 54 14.03 -35.53 -11.16
N GLU E 55 13.19 -35.99 -12.07
CA GLU E 55 13.17 -35.48 -13.44
C GLU E 55 12.83 -33.99 -13.45
N ALA E 56 11.87 -33.57 -12.62
CA ALA E 56 11.47 -32.15 -12.61
C ALA E 56 12.64 -31.32 -12.10
N LYS E 57 13.29 -31.81 -11.06
CA LYS E 57 14.46 -31.13 -10.54
C LYS E 57 15.54 -31.00 -11.59
N GLN E 58 15.85 -32.08 -12.29
CA GLN E 58 16.89 -32.01 -13.33
C GLN E 58 16.49 -31.11 -14.47
N ALA E 59 15.22 -31.13 -14.87
CA ALA E 59 14.82 -30.29 -15.97
C ALA E 59 14.97 -28.79 -15.62
N LEU E 60 14.65 -28.43 -14.39
CA LEU E 60 14.81 -27.06 -13.94
C LEU E 60 16.26 -26.68 -13.80
N LYS E 61 17.09 -27.63 -13.37
CA LYS E 61 18.51 -27.37 -13.31
C LYS E 61 19.02 -27.08 -14.74
N ASN E 62 18.57 -27.86 -15.72
CA ASN E 62 18.98 -27.66 -17.11
C ASN E 62 18.57 -26.26 -17.62
N MET E 63 17.36 -25.85 -17.29
CA MET E 63 16.86 -24.52 -17.66
C MET E 63 17.71 -23.45 -17.02
N GLY E 64 18.05 -23.65 -15.76
CA GLY E 64 18.92 -22.75 -15.05
C GLY E 64 20.28 -22.55 -15.71
N GLU E 65 20.91 -23.61 -16.19
CA GLU E 65 22.21 -23.49 -16.88
C GLU E 65 22.09 -22.73 -18.20
N ILE E 66 20.99 -22.94 -18.92
CA ILE E 66 20.71 -22.25 -20.17
C ILE E 66 20.53 -20.74 -19.85
N LEU E 67 19.76 -20.42 -18.81
CA LEU E 67 19.59 -19.03 -18.36
C LEU E 67 20.92 -18.34 -18.03
N LYS E 68 21.77 -19.06 -17.31
CA LYS E 68 23.05 -18.56 -16.85
C LYS E 68 23.93 -18.28 -18.06
N ALA E 69 23.90 -19.15 -19.05
CA ALA E 69 24.70 -18.93 -20.25
C ALA E 69 24.23 -17.66 -20.94
N ALA E 70 22.98 -17.27 -20.71
CA ALA E 70 22.44 -16.06 -21.30
C ALA E 70 22.56 -14.86 -20.36
N GLY E 71 23.25 -15.02 -19.24
CA GLY E 71 23.44 -13.94 -18.30
C GLY E 71 22.21 -13.69 -17.43
N CYS E 72 21.35 -14.70 -17.30
CA CYS E 72 20.14 -14.56 -16.53
C CYS E 72 20.07 -15.57 -15.40
N ASP E 73 18.98 -15.52 -14.62
CA ASP E 73 18.64 -16.56 -13.64
C ASP E 73 17.11 -16.78 -13.67
N PHE E 74 16.58 -17.54 -12.73
CA PHE E 74 15.15 -17.84 -12.74
C PHE E 74 14.28 -16.59 -12.56
N THR E 75 14.81 -15.53 -11.95
CA THR E 75 14.02 -14.31 -11.80
C THR E 75 13.68 -13.65 -13.12
N ASN E 76 14.40 -14.00 -14.19
CA ASN E 76 14.17 -13.39 -15.49
C ASN E 76 13.05 -14.08 -16.27
N VAL E 77 12.55 -15.22 -15.77
CA VAL E 77 11.53 -15.98 -16.48
C VAL E 77 10.15 -15.33 -16.32
N VAL E 78 9.46 -15.12 -17.42
CA VAL E 78 8.16 -14.48 -17.40
C VAL E 78 7.00 -15.42 -17.72
N LYS E 79 7.28 -16.56 -18.33
CA LYS E 79 6.20 -17.50 -18.71
C LYS E 79 6.77 -18.89 -18.78
N THR E 80 6.07 -19.85 -18.21
CA THR E 80 6.48 -21.24 -18.40
C THR E 80 5.29 -22.09 -18.87
N THR E 81 5.60 -23.26 -19.42
CA THR E 81 4.57 -24.24 -19.72
C THR E 81 5.09 -25.51 -19.13
N VAL E 82 4.27 -26.14 -18.29
CA VAL E 82 4.62 -27.38 -17.60
C VAL E 82 3.76 -28.48 -18.20
N LEU E 83 4.39 -29.41 -18.89
CA LEU E 83 3.77 -30.51 -19.62
C LEU E 83 3.96 -31.78 -18.81
N LEU E 84 2.87 -32.35 -18.29
CA LEU E 84 2.98 -33.54 -17.43
C LEU E 84 2.55 -34.78 -18.12
N ALA E 85 3.17 -35.90 -17.78
CA ALA E 85 2.66 -37.17 -18.25
C ALA E 85 1.45 -37.61 -17.42
N ASP E 86 1.36 -37.13 -16.19
CA ASP E 86 0.27 -37.47 -15.27
C ASP E 86 -0.13 -36.22 -14.50
N ILE E 87 -1.35 -35.73 -14.74
CA ILE E 87 -1.86 -34.55 -14.06
C ILE E 87 -1.80 -34.70 -12.53
N ASN E 88 -1.85 -35.92 -12.01
CA ASN E 88 -1.82 -36.13 -10.56
C ASN E 88 -0.45 -35.87 -9.93
N ASP E 89 0.57 -35.66 -10.76
CA ASP E 89 1.94 -35.40 -10.31
C ASP E 89 2.10 -33.93 -9.99
N PHE E 90 1.02 -33.19 -10.13
CA PHE E 90 1.11 -31.76 -10.09
C PHE E 90 1.48 -31.16 -8.72
N ASN E 91 1.08 -31.79 -7.62
CA ASN E 91 1.47 -31.25 -6.33
C ASN E 91 2.96 -31.44 -6.07
N THR E 92 3.49 -32.57 -6.53
CA THR E 92 4.89 -32.86 -6.39
C THR E 92 5.73 -31.89 -7.20
N VAL E 93 5.28 -31.63 -8.42
CA VAL E 93 5.97 -30.73 -9.34
C VAL E 93 5.99 -29.32 -8.80
N ASN E 94 4.85 -28.86 -8.26
CA ASN E 94 4.79 -27.54 -7.65
C ASN E 94 5.80 -27.35 -6.54
N GLU E 95 5.96 -28.37 -5.71
CA GLU E 95 6.87 -28.25 -4.57
C GLU E 95 8.28 -28.06 -5.14
N ILE E 96 8.61 -28.78 -6.21
CA ILE E 96 9.95 -28.69 -6.79
C ILE E 96 10.14 -27.32 -7.48
N TYR E 97 9.10 -26.91 -8.21
CA TYR E 97 9.06 -25.64 -8.91
C TYR E 97 9.41 -24.48 -7.97
N LYS E 98 8.86 -24.54 -6.76
CA LYS E 98 9.08 -23.53 -5.72
C LYS E 98 10.48 -23.54 -5.12
N GLN E 99 11.28 -24.55 -5.43
CA GLN E 99 12.68 -24.56 -5.01
C GLN E 99 13.49 -23.63 -5.93
N TYR E 100 12.90 -23.24 -7.05
CA TYR E 100 13.61 -22.46 -8.06
C TYR E 100 13.00 -21.07 -8.28
N PHE E 101 11.68 -21.01 -8.28
CA PHE E 101 10.94 -19.73 -8.46
C PHE E 101 10.46 -19.25 -7.10
N LYS E 102 10.86 -18.04 -6.71
CA LYS E 102 10.64 -17.54 -5.34
C LYS E 102 9.63 -16.39 -5.15
N SER E 103 9.52 -15.50 -6.15
CA SER E 103 8.55 -14.39 -6.13
C SER E 103 8.40 -13.81 -7.54
N ASN E 104 7.46 -12.89 -7.76
CA ASN E 104 7.22 -12.38 -9.12
C ASN E 104 7.14 -13.57 -10.10
N PHE E 105 6.27 -14.51 -9.75
CA PHE E 105 6.21 -15.82 -10.41
C PHE E 105 5.80 -15.69 -11.87
N PRO E 106 6.35 -16.56 -12.71
CA PRO E 106 6.03 -16.54 -14.13
C PRO E 106 4.53 -16.78 -14.33
N ALA E 107 3.97 -16.22 -15.40
CA ALA E 107 2.69 -16.68 -15.90
C ALA E 107 2.91 -18.15 -16.24
N ARG E 108 1.85 -18.96 -16.20
CA ARG E 108 2.01 -20.38 -16.41
C ARG E 108 0.82 -21.06 -17.07
N ALA E 109 1.11 -22.10 -17.84
CA ALA E 109 0.07 -23.04 -18.28
C ALA E 109 0.57 -24.40 -17.88
N ALA E 110 -0.35 -25.28 -17.55
CA ALA E 110 -0.05 -26.63 -17.12
C ALA E 110 -1.17 -27.58 -17.55
N TYR E 111 -0.77 -28.75 -18.00
CA TYR E 111 -1.71 -29.73 -18.48
C TYR E 111 -0.99 -31.05 -18.67
N GLN E 112 -1.76 -32.12 -18.88
CA GLN E 112 -1.22 -33.42 -19.11
C GLN E 112 -1.28 -33.65 -20.61
N VAL E 113 -0.18 -34.11 -21.16
CA VAL E 113 -0.14 -34.53 -22.53
C VAL E 113 -0.13 -36.04 -22.66
N ALA E 114 -0.22 -36.54 -23.89
CA ALA E 114 -0.27 -37.98 -24.07
C ALA E 114 1.11 -38.66 -23.95
N ALA E 115 2.20 -37.99 -24.35
CA ALA E 115 3.53 -38.57 -24.27
C ALA E 115 4.59 -37.49 -24.49
N LEU E 116 5.73 -37.66 -23.83
CA LEU E 116 6.85 -36.73 -23.93
C LEU E 116 8.04 -37.45 -24.53
N PRO E 117 9.02 -36.71 -25.07
CA PRO E 117 10.21 -37.35 -25.60
C PRO E 117 10.97 -38.19 -24.56
N LYS E 118 11.50 -39.34 -25.01
CA LYS E 118 12.27 -40.24 -24.16
C LYS E 118 11.50 -40.84 -23.03
N GLY E 119 10.17 -40.78 -23.07
CA GLY E 119 9.38 -41.34 -21.99
C GLY E 119 9.45 -40.53 -20.72
N SER E 120 9.87 -39.28 -20.83
CA SER E 120 9.91 -38.33 -19.72
C SER E 120 8.58 -38.16 -19.02
N ARG E 121 8.62 -37.78 -17.75
CA ARG E 121 7.38 -37.53 -17.00
C ARG E 121 6.98 -36.05 -16.96
N ILE E 122 7.90 -35.19 -17.39
CA ILE E 122 7.68 -33.75 -17.39
C ILE E 122 8.60 -33.06 -18.38
N GLU E 123 8.06 -32.03 -19.03
CA GLU E 123 8.84 -31.17 -19.94
C GLU E 123 8.42 -29.74 -19.58
N ILE E 124 9.40 -28.85 -19.44
CA ILE E 124 9.11 -27.46 -19.10
C ILE E 124 9.76 -26.52 -20.11
N GLU E 125 8.94 -25.69 -20.75
CA GLU E 125 9.42 -24.66 -21.65
C GLU E 125 9.32 -23.30 -20.97
N ALA E 126 10.00 -22.28 -21.48
CA ALA E 126 9.93 -20.98 -20.82
C ALA E 126 10.30 -19.84 -21.76
N VAL E 127 9.86 -18.65 -21.37
CA VAL E 127 10.23 -17.41 -22.03
C VAL E 127 10.81 -16.59 -20.90
N ALA E 128 11.99 -16.01 -21.17
CA ALA E 128 12.63 -15.11 -20.22
C ALA E 128 13.03 -13.77 -20.87
N ILE E 129 13.21 -12.74 -20.06
CA ILE E 129 13.61 -11.44 -20.56
C ILE E 129 14.97 -11.06 -19.95
N GLN E 130 15.95 -10.81 -20.81
CA GLN E 130 17.27 -10.37 -20.34
C GLN E 130 17.18 -9.13 -19.46
N GLY E 131 17.90 -9.18 -18.34
CA GLY E 131 17.87 -8.14 -17.33
C GLY E 131 18.64 -6.91 -17.77
N PRO E 132 18.65 -5.87 -16.94
CA PRO E 132 17.97 -5.86 -15.65
C PRO E 132 16.49 -5.52 -15.74
N LEU E 133 15.73 -6.04 -14.79
CA LEU E 133 14.30 -5.84 -14.75
C LEU E 133 13.93 -5.19 -13.44
N THR E 134 13.23 -4.07 -13.50
CA THR E 134 12.71 -3.48 -12.28
C THR E 134 11.23 -3.82 -12.20
N THR E 135 10.85 -4.50 -11.13
CA THR E 135 9.47 -4.94 -10.95
C THR E 135 8.71 -3.94 -10.09
N ALA E 136 7.59 -3.45 -10.62
CA ALA E 136 6.76 -2.45 -9.94
C ALA E 136 5.38 -3.01 -9.59
N SER F 3 4.29 6.39 -29.18
CA SER F 3 4.11 5.19 -28.30
C SER F 3 3.16 4.14 -28.89
N SER F 4 2.39 4.48 -29.93
CA SER F 4 1.55 3.51 -30.61
C SER F 4 2.36 2.50 -31.45
N LEU F 5 1.93 1.24 -31.42
CA LEU F 5 2.57 0.21 -32.22
C LEU F 5 1.60 -0.21 -33.30
N ILE F 6 2.11 -0.62 -34.46
CA ILE F 6 1.24 -1.14 -35.51
C ILE F 6 1.04 -2.62 -35.35
N ARG F 7 -0.22 -3.06 -35.40
CA ARG F 7 -0.54 -4.49 -35.36
C ARG F 7 -1.03 -4.88 -36.72
N ARG F 8 -0.28 -5.68 -37.42
CA ARG F 8 -0.73 -6.13 -38.72
C ARG F 8 -1.12 -7.59 -38.73
N VAL F 9 -2.29 -7.84 -39.30
CA VAL F 9 -2.78 -9.18 -39.50
C VAL F 9 -2.20 -9.68 -40.79
N ILE F 10 -1.49 -10.79 -40.74
CA ILE F 10 -0.99 -11.40 -41.94
C ILE F 10 -2.05 -12.29 -42.54
N SER F 11 -2.32 -12.10 -43.83
CA SER F 11 -3.30 -12.92 -44.50
C SER F 11 -2.77 -13.19 -45.90
N THR F 12 -2.62 -14.46 -46.27
CA THR F 12 -2.19 -14.79 -47.62
C THR F 12 -2.96 -15.96 -48.18
N ALA F 13 -3.49 -15.77 -49.40
CA ALA F 13 -4.24 -16.81 -50.08
C ALA F 13 -3.37 -18.02 -50.41
N LYS F 14 -2.05 -17.90 -50.28
CA LYS F 14 -1.18 -19.03 -50.60
C LYS F 14 -1.05 -20.06 -49.48
N ALA F 15 -1.62 -19.75 -48.31
CA ALA F 15 -1.73 -20.71 -47.21
C ALA F 15 -3.23 -20.89 -46.95
N PRO F 16 -3.65 -22.00 -46.37
CA PRO F 16 -5.07 -22.21 -46.11
C PRO F 16 -5.70 -21.14 -45.26
N GLY F 17 -6.87 -20.69 -45.66
CA GLY F 17 -7.59 -19.76 -44.86
C GLY F 17 -7.86 -20.43 -43.51
N ALA F 18 -8.10 -19.61 -42.51
CA ALA F 18 -8.43 -20.06 -41.16
C ALA F 18 -9.71 -20.92 -41.21
N ILE F 19 -9.75 -21.97 -40.41
CA ILE F 19 -10.94 -22.82 -40.36
C ILE F 19 -11.77 -22.44 -39.13
N GLY F 20 -11.38 -21.35 -38.46
CA GLY F 20 -12.04 -20.86 -37.25
C GLY F 20 -11.65 -19.39 -37.11
N PRO F 21 -12.04 -18.75 -36.01
CA PRO F 21 -11.80 -17.32 -35.77
C PRO F 21 -10.37 -17.01 -35.23
N TYR F 22 -9.40 -17.17 -36.11
CA TYR F 22 -8.00 -16.88 -35.82
C TYR F 22 -7.45 -16.23 -37.11
N SER F 23 -6.33 -15.51 -36.99
CA SER F 23 -5.62 -14.95 -38.15
C SER F 23 -4.42 -15.90 -38.36
N GLN F 24 -4.00 -16.09 -39.61
CA GLN F 24 -2.85 -16.91 -39.93
C GLN F 24 -1.63 -16.48 -39.10
N ALA F 25 -1.47 -15.19 -38.91
CA ALA F 25 -0.40 -14.65 -38.09
C ALA F 25 -0.67 -13.23 -37.74
N VAL F 26 -0.06 -12.77 -36.66
CA VAL F 26 -0.15 -11.39 -36.24
C VAL F 26 1.24 -10.86 -35.95
N LEU F 27 1.56 -9.72 -36.54
CA LEU F 27 2.84 -9.07 -36.41
C LEU F 27 2.64 -7.81 -35.60
N VAL F 28 3.41 -7.67 -34.53
CA VAL F 28 3.35 -6.48 -33.72
C VAL F 28 4.79 -6.11 -33.33
N ASP F 29 5.21 -4.90 -33.66
CA ASP F 29 6.59 -4.46 -33.32
C ASP F 29 7.65 -5.54 -33.63
N ARG F 30 7.64 -6.09 -34.83
CA ARG F 30 8.67 -7.04 -35.23
C ARG F 30 8.54 -8.47 -34.73
N THR F 31 7.65 -8.74 -33.79
CA THR F 31 7.40 -10.12 -33.42
C THR F 31 6.17 -10.65 -34.16
N ILE F 32 6.35 -11.80 -34.82
CA ILE F 32 5.29 -12.45 -35.55
C ILE F 32 4.87 -13.74 -34.83
N TYR F 33 3.62 -13.75 -34.43
CA TYR F 33 3.02 -14.92 -33.80
C TYR F 33 2.26 -15.68 -34.88
N ILE F 34 2.72 -16.90 -35.21
CA ILE F 34 2.13 -17.68 -36.30
C ILE F 34 1.27 -18.78 -35.76
N SER F 35 0.08 -18.88 -36.31
CA SER F 35 -0.89 -19.88 -35.85
C SER F 35 -0.36 -21.30 -36.09
N GLY F 36 -0.88 -22.27 -35.35
CA GLY F 36 -0.49 -23.64 -35.57
C GLY F 36 -0.81 -24.06 -37.00
N GLN F 37 0.15 -24.62 -37.72
CA GLN F 37 -0.13 -25.05 -39.08
C GLN F 37 -0.30 -26.56 -39.15
N ILE F 38 -1.27 -26.98 -39.93
CA ILE F 38 -1.47 -28.40 -40.22
C ILE F 38 -1.31 -28.60 -41.72
N GLY F 39 -1.18 -29.84 -42.15
CA GLY F 39 -0.99 -30.14 -43.57
C GLY F 39 -2.23 -30.01 -44.47
N MET F 40 -2.92 -28.89 -44.41
CA MET F 40 -4.00 -28.64 -45.36
C MET F 40 -3.48 -28.05 -46.67
N ASP F 41 -4.04 -28.53 -47.77
CA ASP F 41 -3.75 -27.99 -49.07
C ASP F 41 -4.59 -26.73 -49.27
N PRO F 42 -3.95 -25.62 -49.58
CA PRO F 42 -4.64 -24.34 -49.72
C PRO F 42 -5.47 -24.25 -50.98
N SER F 43 -5.08 -24.95 -52.03
CA SER F 43 -5.84 -24.83 -53.27
C SER F 43 -7.25 -25.32 -52.94
N SER F 44 -7.33 -26.32 -52.05
CA SER F 44 -8.60 -26.99 -51.78
C SER F 44 -9.05 -27.15 -50.34
N GLY F 45 -8.21 -26.90 -49.36
CA GLY F 45 -8.64 -26.99 -47.97
C GLY F 45 -8.61 -28.33 -47.26
N GLN F 46 -8.43 -29.43 -47.98
CA GLN F 46 -8.36 -30.73 -47.29
C GLN F 46 -6.95 -31.03 -46.86
N LEU F 47 -6.84 -31.96 -45.91
CA LEU F 47 -5.57 -32.52 -45.50
C LEU F 47 -5.00 -33.35 -46.63
N VAL F 48 -3.72 -33.13 -46.93
CA VAL F 48 -3.07 -33.91 -47.97
C VAL F 48 -3.06 -35.38 -47.54
N SER F 49 -3.05 -36.27 -48.52
CA SER F 49 -2.98 -37.70 -48.25
C SER F 49 -1.54 -38.13 -47.97
N GLY F 50 -1.38 -39.29 -47.34
CA GLY F 50 -0.07 -39.88 -47.13
C GLY F 50 0.46 -39.90 -45.70
N GLY F 51 -0.34 -39.49 -44.72
CA GLY F 51 0.13 -39.54 -43.34
C GLY F 51 1.11 -38.44 -42.95
N VAL F 52 1.65 -38.60 -41.75
CA VAL F 52 2.47 -37.58 -41.11
C VAL F 52 3.63 -36.99 -41.95
N ALA F 53 4.26 -37.77 -42.81
CA ALA F 53 5.37 -37.20 -43.60
C ALA F 53 4.89 -36.14 -44.60
N GLU F 54 3.81 -36.44 -45.31
CA GLU F 54 3.31 -35.47 -46.28
C GLU F 54 2.63 -34.29 -45.57
N GLU F 55 1.94 -34.57 -44.47
CA GLU F 55 1.29 -33.49 -43.74
C GLU F 55 2.33 -32.52 -43.20
N ALA F 56 3.43 -33.05 -42.68
CA ALA F 56 4.45 -32.21 -42.08
C ALA F 56 5.09 -31.32 -43.13
N LYS F 57 5.30 -31.87 -44.32
CA LYS F 57 5.89 -31.07 -45.40
C LYS F 57 4.92 -29.96 -45.79
N GLN F 58 3.62 -30.29 -45.89
CA GLN F 58 2.63 -29.30 -46.29
C GLN F 58 2.45 -28.22 -45.20
N ALA F 59 2.52 -28.61 -43.94
CA ALA F 59 2.38 -27.61 -42.87
C ALA F 59 3.54 -26.60 -42.90
N LEU F 60 4.74 -27.08 -43.18
CA LEU F 60 5.92 -26.23 -43.27
C LEU F 60 5.82 -25.35 -44.53
N LYS F 61 5.34 -25.92 -45.62
CA LYS F 61 5.10 -25.14 -46.82
C LYS F 61 4.18 -23.99 -46.46
N ASN F 62 3.10 -24.29 -45.71
CA ASN F 62 2.12 -23.29 -45.32
C ASN F 62 2.72 -22.22 -44.42
N MET F 63 3.48 -22.61 -43.41
CA MET F 63 4.21 -21.66 -42.56
C MET F 63 5.12 -20.75 -43.43
N GLY F 64 5.78 -21.32 -44.42
CA GLY F 64 6.64 -20.53 -45.30
C GLY F 64 5.91 -19.46 -46.07
N GLU F 65 4.72 -19.78 -46.58
CA GLU F 65 3.97 -18.80 -47.31
C GLU F 65 3.54 -17.64 -46.41
N ILE F 66 3.23 -17.97 -45.17
CA ILE F 66 2.82 -16.97 -44.22
C ILE F 66 4.02 -16.10 -43.86
N LEU F 67 5.16 -16.72 -43.66
CA LEU F 67 6.37 -15.97 -43.38
C LEU F 67 6.72 -15.02 -44.52
N LYS F 68 6.61 -15.49 -45.76
CA LYS F 68 6.87 -14.71 -46.98
C LYS F 68 5.94 -13.50 -47.02
N ALA F 69 4.69 -13.71 -46.67
CA ALA F 69 3.72 -12.63 -46.64
C ALA F 69 4.10 -11.58 -45.60
N ALA F 70 4.96 -11.93 -44.66
CA ALA F 70 5.45 -10.94 -43.70
C ALA F 70 6.87 -10.47 -44.07
N GLY F 71 7.34 -10.81 -45.25
CA GLY F 71 8.67 -10.41 -45.68
C GLY F 71 9.78 -11.16 -44.94
N CYS F 72 9.48 -12.38 -44.55
CA CYS F 72 10.39 -13.24 -43.82
C CYS F 72 10.53 -14.59 -44.52
N ASP F 73 11.43 -15.42 -43.99
CA ASP F 73 11.61 -16.78 -44.48
C ASP F 73 11.88 -17.66 -43.24
N PHE F 74 12.27 -18.91 -43.41
CA PHE F 74 12.46 -19.75 -42.25
C PHE F 74 13.55 -19.32 -41.27
N THR F 75 14.57 -18.61 -41.76
CA THR F 75 15.63 -18.14 -40.90
C THR F 75 15.17 -17.11 -39.86
N ASN F 76 14.01 -16.50 -40.05
CA ASN F 76 13.47 -15.55 -39.07
C ASN F 76 12.76 -16.25 -37.87
N VAL F 77 12.53 -17.56 -37.98
CA VAL F 77 11.84 -18.33 -36.92
C VAL F 77 12.76 -18.56 -35.74
N VAL F 78 12.28 -18.15 -34.56
CA VAL F 78 13.07 -18.27 -33.33
C VAL F 78 12.54 -19.33 -32.36
N LYS F 79 11.30 -19.80 -32.52
CA LYS F 79 10.73 -20.79 -31.59
C LYS F 79 9.61 -21.58 -32.31
N THR F 80 9.60 -22.90 -32.24
CA THR F 80 8.45 -23.64 -32.75
C THR F 80 7.95 -24.59 -31.67
N THR F 81 6.70 -25.04 -31.83
CA THR F 81 6.13 -26.12 -31.04
C THR F 81 5.63 -27.16 -32.01
N VAL F 82 6.11 -28.39 -31.87
CA VAL F 82 5.72 -29.49 -32.74
C VAL F 82 4.79 -30.44 -31.96
N LEU F 83 3.51 -30.43 -32.34
CA LEU F 83 2.48 -31.20 -31.69
C LEU F 83 2.20 -32.41 -32.56
N LEU F 84 2.52 -33.59 -32.04
CA LEU F 84 2.32 -34.86 -32.75
C LEU F 84 1.07 -35.64 -32.27
N ALA F 85 0.44 -36.34 -33.20
CA ALA F 85 -0.61 -37.27 -32.85
C ALA F 85 0.05 -38.55 -32.30
N ASP F 86 1.32 -38.78 -32.68
CA ASP F 86 2.07 -39.98 -32.27
C ASP F 86 3.51 -39.69 -31.98
N ILE F 87 3.93 -39.88 -30.74
CA ILE F 87 5.32 -39.57 -30.39
C ILE F 87 6.32 -40.36 -31.27
N ASN F 88 5.92 -41.53 -31.75
CA ASN F 88 6.82 -42.36 -32.55
C ASN F 88 7.07 -41.86 -33.99
N ASP F 89 6.48 -40.73 -34.34
CA ASP F 89 6.70 -40.11 -35.64
C ASP F 89 7.83 -39.10 -35.59
N PHE F 90 8.37 -38.87 -34.41
CA PHE F 90 9.43 -37.89 -34.24
C PHE F 90 10.58 -37.95 -35.28
N ASN F 91 11.16 -39.13 -35.49
CA ASN F 91 12.24 -39.27 -36.46
C ASN F 91 11.81 -38.84 -37.84
N THR F 92 10.64 -39.28 -38.28
CA THR F 92 10.15 -38.92 -39.60
C THR F 92 9.99 -37.41 -39.71
N VAL F 93 9.39 -36.83 -38.69
CA VAL F 93 9.18 -35.40 -38.64
C VAL F 93 10.47 -34.59 -38.60
N ASN F 94 11.49 -35.01 -37.85
CA ASN F 94 12.77 -34.28 -37.82
C ASN F 94 13.40 -34.23 -39.19
N GLU F 95 13.28 -35.33 -39.93
CA GLU F 95 13.87 -35.38 -41.26
C GLU F 95 13.26 -34.31 -42.15
N ILE F 96 11.94 -34.20 -42.11
CA ILE F 96 11.25 -33.21 -42.92
C ILE F 96 11.55 -31.79 -42.42
N TYR F 97 11.52 -31.62 -41.11
CA TYR F 97 11.81 -30.35 -40.48
C TYR F 97 13.14 -29.79 -41.01
N LYS F 98 14.14 -30.67 -41.12
CA LYS F 98 15.46 -30.31 -41.62
C LYS F 98 15.52 -29.92 -43.09
N GLN F 99 14.44 -30.11 -43.83
CA GLN F 99 14.41 -29.69 -45.23
C GLN F 99 14.11 -28.20 -45.28
N TYR F 100 13.64 -27.62 -44.17
CA TYR F 100 13.26 -26.22 -44.10
C TYR F 100 14.11 -25.37 -43.16
N PHE F 101 14.55 -25.93 -42.04
CA PHE F 101 15.34 -25.22 -41.04
C PHE F 101 16.77 -25.76 -41.17
N LYS F 102 17.69 -24.89 -41.59
CA LYS F 102 19.05 -25.28 -41.92
C LYS F 102 20.16 -24.96 -40.93
N SER F 103 19.97 -23.92 -40.12
CA SER F 103 21.00 -23.49 -39.16
C SER F 103 20.39 -22.45 -38.24
N ASN F 104 21.09 -22.12 -37.16
CA ASN F 104 20.61 -21.18 -36.18
C ASN F 104 19.16 -21.62 -35.83
N PHE F 105 19.04 -22.88 -35.46
CA PHE F 105 17.75 -23.53 -35.36
C PHE F 105 16.87 -22.91 -34.28
N PRO F 106 15.58 -22.86 -34.52
CA PRO F 106 14.65 -22.34 -33.51
C PRO F 106 14.74 -23.11 -32.20
N ALA F 107 14.47 -22.46 -31.07
CA ALA F 107 14.21 -23.19 -29.83
C ALA F 107 12.94 -24.00 -30.10
N ARG F 108 12.77 -25.10 -29.39
CA ARG F 108 11.64 -25.98 -29.72
C ARG F 108 11.08 -26.72 -28.49
N ALA F 109 9.78 -26.93 -28.53
CA ALA F 109 9.10 -27.88 -27.63
C ALA F 109 8.39 -28.89 -28.53
N ALA F 110 8.42 -30.14 -28.09
CA ALA F 110 7.84 -31.23 -28.85
C ALA F 110 7.17 -32.24 -27.92
N TYR F 111 5.97 -32.65 -28.30
CA TYR F 111 5.23 -33.62 -27.52
C TYR F 111 4.01 -34.21 -28.26
N GLN F 112 3.43 -35.30 -27.74
CA GLN F 112 2.24 -35.88 -28.35
C GLN F 112 0.98 -35.38 -27.63
N VAL F 113 -0.01 -34.97 -28.40
CA VAL F 113 -1.25 -34.50 -27.86
C VAL F 113 -2.28 -35.57 -28.12
N ALA F 114 -3.47 -35.43 -27.54
CA ALA F 114 -4.51 -36.42 -27.74
C ALA F 114 -5.19 -36.36 -29.12
N ALA F 115 -5.32 -35.16 -29.67
CA ALA F 115 -5.99 -35.00 -30.97
C ALA F 115 -5.74 -33.60 -31.50
N LEU F 116 -5.71 -33.51 -32.80
CA LEU F 116 -5.48 -32.28 -33.50
C LEU F 116 -6.68 -31.98 -34.40
N PRO F 117 -6.88 -30.73 -34.77
CA PRO F 117 -8.00 -30.39 -35.62
C PRO F 117 -7.97 -31.23 -36.89
N LYS F 118 -9.14 -31.69 -37.29
CA LYS F 118 -9.35 -32.52 -38.48
C LYS F 118 -8.65 -33.86 -38.49
N GLY F 119 -8.25 -34.36 -37.33
CA GLY F 119 -7.57 -35.63 -37.28
C GLY F 119 -6.18 -35.51 -37.91
N SER F 120 -5.59 -34.32 -37.92
CA SER F 120 -4.26 -34.13 -38.50
C SER F 120 -3.31 -34.93 -37.65
N ARG F 121 -2.19 -35.34 -38.24
CA ARG F 121 -1.13 -36.02 -37.48
C ARG F 121 -0.02 -35.06 -36.95
N ILE F 122 -0.04 -33.78 -37.32
CA ILE F 122 0.96 -32.84 -36.82
C ILE F 122 0.43 -31.41 -36.92
N GLU F 123 0.76 -30.59 -35.93
CA GLU F 123 0.44 -29.18 -35.95
C GLU F 123 1.76 -28.49 -35.52
N ILE F 124 2.17 -27.45 -36.24
CA ILE F 124 3.37 -26.73 -35.90
C ILE F 124 3.07 -25.24 -35.72
N GLU F 125 3.33 -24.69 -34.53
CA GLU F 125 3.18 -23.25 -34.32
C GLU F 125 4.57 -22.63 -34.26
N ALA F 126 4.65 -21.31 -34.42
CA ALA F 126 5.95 -20.64 -34.41
C ALA F 126 5.87 -19.20 -33.99
N VAL F 127 7.02 -18.69 -33.59
CA VAL F 127 7.22 -17.31 -33.33
C VAL F 127 8.43 -16.94 -34.25
N ALA F 128 8.34 -15.79 -34.93
CA ALA F 128 9.38 -15.32 -35.81
C ALA F 128 9.62 -13.84 -35.56
N ILE F 129 10.81 -13.37 -35.92
CA ILE F 129 11.17 -11.98 -35.69
C ILE F 129 11.44 -11.37 -37.05
N GLN F 130 10.75 -10.28 -37.34
CA GLN F 130 10.87 -9.62 -38.64
C GLN F 130 12.30 -9.06 -38.79
N GLY F 131 12.94 -9.31 -39.93
CA GLY F 131 14.32 -8.90 -40.16
C GLY F 131 14.45 -7.40 -40.31
N PRO F 132 15.68 -6.91 -40.48
CA PRO F 132 16.89 -7.73 -40.54
C PRO F 132 17.36 -8.22 -39.19
N LEU F 133 17.97 -9.40 -39.18
CA LEU F 133 18.55 -9.97 -37.99
C LEU F 133 20.00 -10.25 -38.27
N THR F 134 20.84 -10.04 -37.26
CA THR F 134 22.23 -10.45 -37.36
C THR F 134 22.49 -11.37 -36.19
N THR F 135 23.06 -12.53 -36.46
CA THR F 135 23.24 -13.55 -35.42
C THR F 135 24.69 -13.72 -34.98
N ALA F 136 24.84 -14.12 -33.72
CA ALA F 136 26.14 -14.48 -33.11
C ALA F 136 25.98 -15.82 -32.35
N SER G 3 -2.84 14.57 -10.09
CA SER G 3 -4.27 14.76 -9.73
C SER G 3 -4.48 14.50 -8.25
N SER G 4 -3.81 13.51 -7.67
CA SER G 4 -3.95 13.20 -6.25
C SER G 4 -2.97 13.97 -5.36
N LEU G 5 -3.53 14.49 -4.26
CA LEU G 5 -2.78 15.34 -3.31
C LEU G 5 -2.32 14.55 -2.14
N ILE G 6 -1.20 15.00 -1.61
CA ILE G 6 -0.84 14.67 -0.25
C ILE G 6 -1.59 15.26 0.85
N ARG G 7 -2.23 14.38 1.61
CA ARG G 7 -2.96 14.75 2.80
C ARG G 7 -2.49 13.84 3.93
N ARG G 8 -1.87 14.42 4.94
CA ARG G 8 -1.40 13.63 6.05
C ARG G 8 -1.68 14.31 7.36
N VAL G 9 -2.05 13.52 8.33
CA VAL G 9 -2.27 14.03 9.66
C VAL G 9 -0.89 14.06 10.31
N ILE G 10 -0.59 15.13 11.03
CA ILE G 10 0.65 15.20 11.80
C ILE G 10 0.31 14.85 13.24
N SER G 11 1.10 13.98 13.83
CA SER G 11 0.88 13.58 15.22
C SER G 11 2.18 13.29 15.93
N THR G 12 2.52 14.12 16.93
CA THR G 12 3.74 13.93 17.69
C THR G 12 3.47 13.92 19.20
N ALA G 13 4.11 13.00 19.91
CA ALA G 13 3.93 12.89 21.34
C ALA G 13 4.66 14.03 22.07
N LYS G 14 5.45 14.81 21.34
CA LYS G 14 6.14 15.94 21.93
C LYS G 14 5.18 17.12 22.15
N ALA G 15 3.97 17.00 21.63
CA ALA G 15 2.95 17.98 21.90
C ALA G 15 1.79 17.15 22.46
N PRO G 16 0.88 17.79 23.17
CA PRO G 16 -0.18 17.07 23.87
C PRO G 16 -1.16 16.34 22.96
N GLY G 17 -1.65 15.22 23.47
CA GLY G 17 -2.65 14.47 22.74
C GLY G 17 -3.95 15.27 22.69
N ALA G 18 -4.77 14.97 21.71
CA ALA G 18 -6.05 15.67 21.53
C ALA G 18 -6.99 15.44 22.73
N ILE G 19 -7.62 16.48 23.25
CA ILE G 19 -8.57 16.30 24.34
C ILE G 19 -9.95 16.22 23.70
N GLY G 20 -9.97 16.29 22.37
CA GLY G 20 -11.20 16.17 21.63
C GLY G 20 -10.95 15.51 20.28
N PRO G 21 -12.00 15.41 19.48
CA PRO G 21 -11.91 14.83 18.15
C PRO G 21 -11.33 15.80 17.12
N TYR G 22 -10.01 15.97 17.21
CA TYR G 22 -9.26 16.80 16.25
C TYR G 22 -7.87 16.22 16.11
N SER G 23 -7.16 16.63 15.07
CA SER G 23 -5.78 16.23 14.89
C SER G 23 -4.92 17.47 15.24
N GLN G 24 -3.69 17.24 15.65
CA GLN G 24 -2.76 18.34 15.92
C GLN G 24 -2.56 19.27 14.69
N ALA G 25 -2.45 18.68 13.50
CA ALA G 25 -2.30 19.43 12.28
C ALA G 25 -2.58 18.51 11.10
N VAL G 26 -2.92 19.12 9.97
CA VAL G 26 -3.13 18.39 8.76
C VAL G 26 -2.28 19.06 7.68
N LEU G 27 -1.43 18.26 7.05
CA LEU G 27 -0.62 18.72 5.92
C LEU G 27 -1.36 18.32 4.65
N VAL G 28 -1.63 19.28 3.77
CA VAL G 28 -2.28 18.97 2.51
C VAL G 28 -1.62 19.79 1.39
N ASP G 29 -1.05 19.09 0.43
CA ASP G 29 -0.34 19.70 -0.69
C ASP G 29 0.53 20.88 -0.27
N ARG G 30 1.23 20.69 0.81
CA ARG G 30 2.14 21.69 1.32
C ARG G 30 1.62 22.70 2.27
N THR G 31 0.32 22.84 2.37
CA THR G 31 -0.18 23.77 3.35
C THR G 31 -0.43 23.00 4.60
N ILE G 32 0.01 23.52 5.72
CA ILE G 32 -0.19 22.88 7.02
C ILE G 32 -1.13 23.71 7.86
N TYR G 33 -2.27 23.11 8.22
CA TYR G 33 -3.26 23.71 9.08
C TYR G 33 -3.01 23.22 10.50
N ILE G 34 -2.61 24.12 11.38
CA ILE G 34 -2.30 23.71 12.75
C ILE G 34 -3.44 24.09 13.69
N SER G 35 -3.83 23.12 14.51
CA SER G 35 -4.90 23.33 15.48
C SER G 35 -4.51 24.42 16.47
N GLY G 36 -5.52 25.02 17.09
CA GLY G 36 -5.27 26.01 18.12
C GLY G 36 -4.53 25.33 19.26
N GLN G 37 -3.39 25.90 19.63
CA GLN G 37 -2.58 25.36 20.70
C GLN G 37 -2.82 26.10 22.01
N ILE G 38 -2.87 25.37 23.11
CA ILE G 38 -3.02 26.00 24.41
C ILE G 38 -1.81 25.60 25.25
N GLY G 39 -1.66 26.18 26.42
CA GLY G 39 -0.45 25.97 27.22
C GLY G 39 -0.38 24.69 28.03
N MET G 40 -0.78 23.57 27.42
CA MET G 40 -0.80 22.29 28.07
C MET G 40 0.55 21.57 27.97
N ASP G 41 0.99 21.02 29.09
CA ASP G 41 2.22 20.23 29.11
C ASP G 41 1.93 18.90 28.43
N PRO G 42 2.77 18.50 27.50
CA PRO G 42 2.55 17.25 26.78
C PRO G 42 2.66 16.00 27.64
N SER G 43 3.27 16.07 28.81
CA SER G 43 3.37 14.85 29.59
C SER G 43 2.27 14.73 30.65
N SER G 44 1.83 15.85 31.24
CA SER G 44 0.78 15.79 32.27
C SER G 44 -0.61 15.92 31.67
N GLY G 45 -0.67 16.55 30.52
CA GLY G 45 -1.94 16.87 29.90
C GLY G 45 -2.68 17.95 30.69
N GLN G 46 -1.97 18.70 31.52
CA GLN G 46 -2.59 19.78 32.29
C GLN G 46 -2.00 21.10 31.82
N LEU G 47 -2.73 22.20 31.98
CA LEU G 47 -2.17 23.51 31.65
C LEU G 47 -1.04 23.81 32.64
N VAL G 48 0.01 24.46 32.17
CA VAL G 48 1.14 24.81 33.03
C VAL G 48 0.72 25.93 33.98
N SER G 49 1.41 26.03 35.10
CA SER G 49 1.11 27.09 36.04
C SER G 49 1.94 28.31 35.65
N GLY G 50 1.61 29.44 36.23
CA GLY G 50 2.40 30.62 36.01
C GLY G 50 1.75 31.75 35.24
N GLY G 51 0.55 31.60 34.73
CA GLY G 51 -0.07 32.73 34.03
C GLY G 51 -0.07 32.68 32.49
N VAL G 52 -0.53 33.76 31.87
CA VAL G 52 -0.66 33.82 30.42
C VAL G 52 0.69 33.70 29.72
N ALA G 53 1.71 34.28 30.33
CA ALA G 53 3.01 34.22 29.77
C ALA G 53 3.69 32.85 29.83
N GLU G 54 3.33 32.08 30.83
CA GLU G 54 3.59 30.63 30.78
C GLU G 54 2.88 29.82 29.83
N GLU G 55 1.62 30.10 29.76
CA GLU G 55 0.81 29.35 28.83
C GLU G 55 1.26 29.67 27.40
N ALA G 56 1.55 30.92 27.11
CA ALA G 56 1.98 31.32 25.77
C ALA G 56 3.26 30.61 25.37
N LYS G 57 4.22 30.59 26.29
CA LYS G 57 5.48 29.92 26.01
C LYS G 57 5.20 28.46 25.70
N GLN G 58 4.38 27.83 26.53
CA GLN G 58 4.10 26.43 26.34
C GLN G 58 3.32 26.18 25.05
N ALA G 59 2.38 27.07 24.74
CA ALA G 59 1.58 26.91 23.53
C ALA G 59 2.45 27.01 22.30
N LEU G 60 3.41 27.91 22.34
CA LEU G 60 4.31 28.07 21.22
C LEU G 60 5.28 26.88 21.12
N LYS G 61 5.74 26.37 22.26
CA LYS G 61 6.58 25.19 22.29
C LYS G 61 5.85 24.02 21.64
N ASN G 62 4.58 23.87 21.99
CA ASN G 62 3.73 22.85 21.38
C ASN G 62 3.62 23.05 19.85
N MET G 63 3.37 24.27 19.41
CA MET G 63 3.29 24.57 17.99
C MET G 63 4.60 24.20 17.35
N GLY G 64 5.69 24.52 18.04
CA GLY G 64 7.02 24.24 17.54
C GLY G 64 7.25 22.76 17.29
N GLU G 65 6.83 21.90 18.22
CA GLU G 65 6.98 20.46 18.03
C GLU G 65 6.13 19.95 16.88
N ILE G 66 4.93 20.48 16.72
CA ILE G 66 4.07 20.09 15.62
C ILE G 66 4.70 20.49 14.28
N LEU G 67 5.26 21.70 14.21
CA LEU G 67 5.94 22.15 13.01
C LEU G 67 7.13 21.24 12.68
N LYS G 68 7.90 20.88 13.69
CA LYS G 68 9.04 19.99 13.49
C LYS G 68 8.60 18.67 12.83
N ALA G 69 7.50 18.12 13.33
CA ALA G 69 7.02 16.86 12.83
C ALA G 69 6.42 16.98 11.42
N ALA G 70 6.18 18.21 10.98
CA ALA G 70 5.72 18.48 9.64
C ALA G 70 6.93 18.87 8.77
N GLY G 71 8.13 18.80 9.34
CA GLY G 71 9.31 19.17 8.60
C GLY G 71 9.53 20.66 8.50
N CYS G 72 8.93 21.42 9.42
CA CYS G 72 9.03 22.88 9.41
C CYS G 72 9.55 23.48 10.71
N ASP G 73 9.71 24.79 10.69
CA ASP G 73 10.06 25.57 11.87
C ASP G 73 9.22 26.83 11.80
N PHE G 74 9.39 27.75 12.73
CA PHE G 74 8.55 28.95 12.79
C PHE G 74 8.66 29.82 11.54
N THR G 75 9.77 29.73 10.81
CA THR G 75 9.91 30.52 9.60
C THR G 75 8.89 30.15 8.52
N ASN G 76 8.31 28.97 8.64
CA ASN G 76 7.32 28.45 7.67
C ASN G 76 5.90 28.95 7.90
N VAL G 77 5.66 29.56 9.06
CA VAL G 77 4.32 30.05 9.41
C VAL G 77 4.01 31.31 8.59
N VAL G 78 2.84 31.34 7.95
CA VAL G 78 2.42 32.52 7.18
C VAL G 78 1.22 33.30 7.79
N LYS G 79 0.49 32.66 8.70
CA LYS G 79 -0.66 33.27 9.35
C LYS G 79 -0.89 32.63 10.73
N THR G 80 -1.21 33.48 11.70
CA THR G 80 -1.60 33.01 13.01
C THR G 80 -2.83 33.79 13.46
N THR G 81 -3.58 33.17 14.36
CA THR G 81 -4.68 33.82 15.04
C THR G 81 -4.40 33.67 16.53
N VAL G 82 -4.35 34.79 17.24
CA VAL G 82 -4.08 34.80 18.67
C VAL G 82 -5.39 35.10 19.41
N LEU G 83 -5.93 34.08 20.09
CA LEU G 83 -7.19 34.19 20.80
C LEU G 83 -6.89 34.36 22.29
N LEU G 84 -7.31 35.49 22.86
CA LEU G 84 -7.00 35.78 24.26
C LEU G 84 -8.20 35.75 25.14
N ALA G 85 -7.99 35.34 26.38
CA ALA G 85 -9.02 35.43 27.41
C ALA G 85 -9.15 36.90 27.88
N ASP G 86 -8.09 37.69 27.69
CA ASP G 86 -8.10 39.09 28.10
C ASP G 86 -7.25 39.92 27.17
N ILE G 87 -7.88 40.87 26.47
CA ILE G 87 -7.18 41.69 25.49
C ILE G 87 -5.97 42.39 26.13
N ASN G 88 -6.07 42.70 27.41
CA ASN G 88 -5.02 43.43 28.13
C ASN G 88 -3.71 42.62 28.25
N ASP G 89 -3.75 41.34 27.90
CA ASP G 89 -2.58 40.48 27.99
C ASP G 89 -1.76 40.54 26.70
N PHE G 90 -2.20 41.34 25.74
CA PHE G 90 -1.55 41.35 24.44
C PHE G 90 -0.05 41.70 24.48
N ASN G 91 0.33 42.70 25.26
CA ASN G 91 1.74 43.08 25.34
C ASN G 91 2.59 41.94 25.91
N THR G 92 2.12 41.26 26.95
CA THR G 92 2.83 40.10 27.46
C THR G 92 2.98 39.00 26.39
N VAL G 93 1.87 38.66 25.75
CA VAL G 93 1.89 37.60 24.75
C VAL G 93 2.82 38.00 23.61
N ASN G 94 2.80 39.26 23.20
CA ASN G 94 3.68 39.71 22.11
C ASN G 94 5.18 39.57 22.42
N GLU G 95 5.57 39.78 23.68
CA GLU G 95 6.96 39.61 24.09
C GLU G 95 7.36 38.15 23.89
N ILE G 96 6.47 37.22 24.23
CA ILE G 96 6.78 35.82 24.07
C ILE G 96 6.77 35.45 22.56
N TYR G 97 5.78 35.95 21.84
CA TYR G 97 5.64 35.74 20.40
C TYR G 97 6.92 36.09 19.64
N LYS G 98 7.54 37.23 19.98
CA LYS G 98 8.77 37.67 19.34
C LYS G 98 9.94 36.73 19.62
N GLN G 99 9.86 35.94 20.67
CA GLN G 99 10.93 34.96 20.92
C GLN G 99 10.94 33.87 19.85
N TYR G 100 9.78 33.53 19.31
CA TYR G 100 9.66 32.42 18.35
C TYR G 100 9.64 32.88 16.90
N PHE G 101 8.97 34.00 16.64
CA PHE G 101 8.87 34.52 15.28
C PHE G 101 9.85 35.67 15.13
N LYS G 102 10.85 35.53 14.29
CA LYS G 102 11.94 36.53 14.29
C LYS G 102 12.02 37.48 13.10
N SER G 103 11.42 37.10 11.97
CA SER G 103 11.49 37.94 10.77
C SER G 103 10.55 37.34 9.72
N ASN G 104 10.31 38.07 8.64
CA ASN G 104 9.39 37.63 7.59
C ASN G 104 8.11 37.13 8.30
N PHE G 105 7.56 37.99 9.14
CA PHE G 105 6.48 37.62 10.04
C PHE G 105 5.15 37.23 9.41
N PRO G 106 4.45 36.33 10.06
CA PRO G 106 3.12 35.92 9.63
C PRO G 106 2.10 37.05 9.66
N ALA G 107 1.11 36.93 8.80
CA ALA G 107 -0.06 37.76 8.91
C ALA G 107 -0.69 37.33 10.23
N ARG G 108 -1.47 38.21 10.81
CA ARG G 108 -2.08 37.90 12.09
C ARG G 108 -3.43 38.50 12.33
N ALA G 109 -4.25 37.78 13.10
CA ALA G 109 -5.46 38.34 13.65
C ALA G 109 -5.43 38.06 15.16
N ALA G 110 -5.97 39.00 15.93
CA ALA G 110 -6.00 38.89 17.35
C ALA G 110 -7.26 39.53 17.92
N TYR G 111 -7.77 38.90 18.96
CA TYR G 111 -8.94 39.39 19.64
C TYR G 111 -9.20 38.57 20.90
N GLN G 112 -10.02 39.13 21.79
CA GLN G 112 -10.39 38.49 23.04
C GLN G 112 -11.70 37.73 22.83
N VAL G 113 -11.70 36.48 23.24
CA VAL G 113 -12.89 35.65 23.12
C VAL G 113 -13.47 35.53 24.52
N ALA G 114 -14.66 34.92 24.63
CA ALA G 114 -15.34 34.84 25.91
C ALA G 114 -14.74 33.79 26.84
N ALA G 115 -14.33 32.66 26.28
CA ALA G 115 -13.68 31.59 27.03
C ALA G 115 -12.96 30.62 26.07
N LEU G 116 -11.91 29.98 26.57
CA LEU G 116 -11.15 28.99 25.86
C LEU G 116 -11.29 27.62 26.54
N PRO G 117 -10.95 26.58 25.82
CA PRO G 117 -10.99 25.22 26.37
C PRO G 117 -10.09 25.13 27.63
N LYS G 118 -10.54 24.37 28.60
CA LYS G 118 -9.86 24.13 29.89
C LYS G 118 -9.46 25.38 30.66
N GLY G 119 -10.14 26.50 30.41
CA GLY G 119 -9.84 27.74 31.10
C GLY G 119 -8.50 28.35 30.71
N SER G 120 -7.97 28.01 29.54
CA SER G 120 -6.71 28.57 29.11
C SER G 120 -6.84 30.07 28.98
N ARG G 121 -5.71 30.77 28.97
CA ARG G 121 -5.68 32.21 28.84
C ARG G 121 -5.34 32.62 27.41
N ILE G 122 -4.98 31.63 26.59
CA ILE G 122 -4.57 31.92 25.23
C ILE G 122 -4.60 30.66 24.38
N GLU G 123 -4.98 30.84 23.11
CA GLU G 123 -5.06 29.75 22.15
C GLU G 123 -4.52 30.32 20.87
N ILE G 124 -3.58 29.62 20.23
CA ILE G 124 -2.97 30.16 19.02
C ILE G 124 -3.05 29.13 17.91
N GLU G 125 -3.69 29.54 16.81
CA GLU G 125 -3.78 28.66 15.65
C GLU G 125 -2.83 29.22 14.60
N ALA G 126 -2.50 28.42 13.59
CA ALA G 126 -1.60 28.88 12.55
C ALA G 126 -1.72 28.11 11.26
N VAL G 127 -1.25 28.74 10.19
CA VAL G 127 -1.17 28.11 8.88
C VAL G 127 0.31 28.26 8.52
N ALA G 128 0.92 27.16 8.06
CA ALA G 128 2.32 27.16 7.65
C ALA G 128 2.43 26.54 6.26
N ILE G 129 3.56 26.77 5.60
CA ILE G 129 3.82 26.22 4.28
C ILE G 129 5.15 25.48 4.31
N GLN G 130 5.10 24.18 4.05
CA GLN G 130 6.27 23.36 4.01
C GLN G 130 7.29 23.73 2.94
N GLY G 131 8.57 23.48 3.17
CA GLY G 131 9.66 24.28 2.61
C GLY G 131 10.10 23.41 1.36
N PRO G 132 11.09 23.75 0.49
CA PRO G 132 11.83 24.97 0.75
C PRO G 132 10.98 26.24 0.52
N LEU G 133 11.26 27.34 1.23
CA LEU G 133 10.66 28.64 0.91
C LEU G 133 11.71 29.70 0.64
N THR G 134 11.36 30.65 -0.20
CA THR G 134 12.27 31.73 -0.50
C THR G 134 11.50 33.04 -0.46
N THR G 135 11.99 33.96 0.36
CA THR G 135 11.39 35.28 0.52
C THR G 135 12.01 36.25 -0.47
N ALA G 136 11.30 36.48 -1.56
CA ALA G 136 11.74 37.41 -2.59
C ALA G 136 11.62 38.85 -2.10
N SER H 3 9.16 23.50 -6.76
CA SER H 3 9.63 23.02 -5.43
C SER H 3 9.78 24.19 -4.45
N SER H 4 10.79 25.03 -4.65
CA SER H 4 10.94 26.28 -3.93
C SER H 4 9.81 27.26 -4.20
N LEU H 5 8.98 27.56 -3.19
CA LEU H 5 7.88 28.50 -3.36
C LEU H 5 8.35 29.90 -2.99
N ILE H 6 7.82 30.90 -3.64
CA ILE H 6 8.22 32.25 -3.25
C ILE H 6 7.18 32.81 -2.29
N ARG H 7 7.69 33.34 -1.19
CA ARG H 7 6.85 33.98 -0.21
C ARG H 7 7.15 35.44 -0.31
N ARG H 8 6.11 36.25 -0.29
CA ARG H 8 6.22 37.67 -0.39
C ARG H 8 5.49 38.32 0.75
N VAL H 9 6.21 39.14 1.50
CA VAL H 9 5.64 39.95 2.53
C VAL H 9 5.04 41.18 1.88
N ILE H 10 3.73 41.35 2.00
CA ILE H 10 3.03 42.50 1.44
C ILE H 10 3.12 43.71 2.36
N SER H 11 3.49 44.85 1.80
CA SER H 11 3.62 46.06 2.61
C SER H 11 3.26 47.31 1.81
N THR H 12 2.33 48.09 2.34
CA THR H 12 1.99 49.36 1.74
C THR H 12 1.84 50.41 2.81
N ALA H 13 2.33 51.61 2.51
CA ALA H 13 2.18 52.77 3.38
C ALA H 13 0.74 53.27 3.35
N LYS H 14 -0.03 52.80 2.39
CA LYS H 14 -1.40 53.26 2.28
C LYS H 14 -2.35 52.54 3.25
N ALA H 15 -1.82 51.62 4.04
CA ALA H 15 -2.59 51.01 5.12
C ALA H 15 -1.69 51.15 6.37
N PRO H 16 -2.25 51.01 7.56
CA PRO H 16 -1.48 51.19 8.80
C PRO H 16 -0.29 50.25 8.87
N GLY H 17 0.85 50.79 9.29
CA GLY H 17 2.09 50.04 9.32
C GLY H 17 2.03 48.88 10.30
N ALA H 18 2.72 47.81 9.97
CA ALA H 18 2.80 46.64 10.82
C ALA H 18 3.96 46.87 11.78
N ILE H 19 3.69 47.60 12.86
CA ILE H 19 4.71 47.97 13.83
C ILE H 19 4.77 46.93 14.93
N GLY H 20 4.85 45.69 14.52
CA GLY H 20 4.84 44.60 15.47
C GLY H 20 5.41 43.44 14.70
N PRO H 21 5.32 42.27 15.31
CA PRO H 21 5.80 41.05 14.73
C PRO H 21 4.65 40.46 13.93
N TYR H 22 4.28 41.17 12.88
CA TYR H 22 3.28 40.70 11.95
C TYR H 22 3.52 41.40 10.60
N SER H 23 2.92 40.86 9.54
CA SER H 23 3.00 41.44 8.21
C SER H 23 1.58 41.81 7.80
N GLN H 24 1.41 42.89 7.04
CA GLN H 24 0.07 43.28 6.64
C GLN H 24 -0.56 42.12 5.90
N ALA H 25 0.23 41.42 5.09
CA ALA H 25 -0.20 40.25 4.38
C ALA H 25 0.99 39.43 3.93
N VAL H 26 0.74 38.15 3.71
CA VAL H 26 1.76 37.26 3.25
C VAL H 26 1.17 36.48 2.07
N LEU H 27 1.88 36.55 0.96
CA LEU H 27 1.55 35.85 -0.26
C LEU H 27 2.46 34.64 -0.43
N VAL H 28 1.88 33.46 -0.66
CA VAL H 28 2.66 32.28 -1.01
C VAL H 28 1.90 31.41 -2.02
N ASP H 29 2.52 31.15 -3.17
CA ASP H 29 1.94 30.26 -4.17
C ASP H 29 0.47 30.62 -4.45
N ARG H 30 0.24 31.88 -4.79
CA ARG H 30 -1.10 32.39 -5.11
C ARG H 30 -2.04 32.69 -3.96
N THR H 31 -1.76 32.23 -2.74
CA THR H 31 -2.69 32.50 -1.65
C THR H 31 -2.17 33.63 -0.81
N ILE H 32 -3.02 34.62 -0.57
CA ILE H 32 -2.70 35.78 0.24
C ILE H 32 -3.46 35.75 1.57
N TYR H 33 -2.73 35.69 2.67
CA TYR H 33 -3.29 35.73 4.01
C TYR H 33 -3.19 37.18 4.52
N ILE H 34 -4.34 37.82 4.72
CA ILE H 34 -4.34 39.22 5.11
C ILE H 34 -4.66 39.35 6.59
N SER H 35 -3.84 40.10 7.31
CA SER H 35 -4.08 40.37 8.72
C SER H 35 -5.42 41.03 9.00
N GLY H 36 -5.91 40.86 10.22
CA GLY H 36 -7.14 41.54 10.62
C GLY H 36 -6.95 43.03 10.52
N GLN H 37 -7.87 43.69 9.84
CA GLN H 37 -7.83 45.12 9.68
C GLN H 37 -8.89 45.75 10.58
N ILE H 38 -8.56 46.86 11.23
CA ILE H 38 -9.52 47.63 12.03
C ILE H 38 -9.68 48.99 11.38
N GLY H 39 -10.57 49.82 11.92
CA GLY H 39 -10.86 51.11 11.31
C GLY H 39 -9.84 52.19 11.62
N MET H 40 -8.56 51.84 11.53
CA MET H 40 -7.51 52.80 11.83
C MET H 40 -7.15 53.65 10.61
N ASP H 41 -7.07 54.95 10.79
CA ASP H 41 -6.62 55.84 9.70
C ASP H 41 -5.11 55.78 9.66
N PRO H 42 -4.54 55.46 8.50
CA PRO H 42 -3.10 55.31 8.34
C PRO H 42 -2.33 56.61 8.55
N SER H 43 -3.01 57.75 8.46
CA SER H 43 -2.32 59.04 8.62
C SER H 43 -2.30 59.55 10.06
N SER H 44 -3.28 59.13 10.86
CA SER H 44 -3.40 59.63 12.23
C SER H 44 -3.05 58.57 13.25
N GLY H 45 -2.93 57.32 12.80
CA GLY H 45 -2.65 56.24 13.69
C GLY H 45 -3.77 56.01 14.69
N GLN H 46 -4.93 56.62 14.44
CA GLN H 46 -6.09 56.49 15.31
C GLN H 46 -7.32 55.97 14.59
N LEU H 47 -8.24 55.42 15.36
CA LEU H 47 -9.50 54.95 14.82
C LEU H 47 -10.28 56.16 14.34
N VAL H 48 -10.75 56.11 13.10
CA VAL H 48 -11.59 57.16 12.57
C VAL H 48 -12.73 57.33 13.57
N SER H 49 -13.28 58.53 13.67
CA SER H 49 -14.34 58.80 14.62
C SER H 49 -15.70 58.43 14.03
N GLY H 50 -16.71 58.33 14.89
CA GLY H 50 -18.07 58.06 14.44
C GLY H 50 -18.65 56.74 14.90
N GLY H 51 -17.83 55.73 15.05
CA GLY H 51 -18.34 54.42 15.45
C GLY H 51 -18.29 53.36 14.37
N VAL H 52 -19.00 52.25 14.61
CA VAL H 52 -18.89 51.04 13.78
C VAL H 52 -19.11 51.27 12.29
N ALA H 53 -20.03 52.14 11.90
CA ALA H 53 -20.23 52.42 10.47
C ALA H 53 -18.93 52.94 9.84
N GLU H 54 -18.35 53.97 10.45
CA GLU H 54 -17.13 54.58 9.94
C GLU H 54 -15.92 53.66 10.02
N GLU H 55 -15.81 52.92 11.12
CA GLU H 55 -14.70 52.01 11.32
C GLU H 55 -14.76 50.90 10.28
N ALA H 56 -15.96 50.38 10.04
CA ALA H 56 -16.12 49.31 9.06
C ALA H 56 -15.64 49.79 7.71
N LYS H 57 -15.99 51.03 7.38
CA LYS H 57 -15.58 51.62 6.11
C LYS H 57 -14.06 51.68 6.02
N GLN H 58 -13.43 52.23 7.06
CA GLN H 58 -11.98 52.37 7.12
C GLN H 58 -11.26 51.02 7.11
N ALA H 59 -11.80 50.03 7.83
CA ALA H 59 -11.19 48.70 7.86
C ALA H 59 -11.13 48.12 6.44
N LEU H 60 -12.22 48.24 5.70
CA LEU H 60 -12.28 47.71 4.35
C LEU H 60 -11.37 48.49 3.38
N LYS H 61 -11.25 49.79 3.57
CA LYS H 61 -10.37 50.58 2.70
C LYS H 61 -8.91 50.14 2.91
N ASN H 62 -8.56 49.92 4.17
CA ASN H 62 -7.24 49.39 4.53
C ASN H 62 -6.99 48.04 3.85
N MET H 63 -7.98 47.14 3.91
CA MET H 63 -7.85 45.83 3.28
C MET H 63 -7.65 46.00 1.78
N GLY H 64 -8.42 46.92 1.19
CA GLY H 64 -8.32 47.25 -0.23
C GLY H 64 -6.92 47.69 -0.65
N GLU H 65 -6.29 48.52 0.16
CA GLU H 65 -4.93 48.98 -0.18
C GLU H 65 -3.92 47.84 -0.09
N ILE H 66 -4.14 46.91 0.84
CA ILE H 66 -3.26 45.76 0.98
C ILE H 66 -3.46 44.87 -0.24
N LEU H 67 -4.72 44.72 -0.67
CA LEU H 67 -4.98 43.91 -1.85
C LEU H 67 -4.27 44.54 -3.07
N LYS H 68 -4.43 45.85 -3.21
CA LYS H 68 -3.85 46.57 -4.34
C LYS H 68 -2.33 46.38 -4.38
N ALA H 69 -1.69 46.36 -3.21
CA ALA H 69 -0.24 46.18 -3.12
C ALA H 69 0.15 44.76 -3.54
N ALA H 70 -0.78 43.83 -3.43
CA ALA H 70 -0.51 42.46 -3.82
C ALA H 70 -0.98 42.34 -5.27
N GLY H 71 -1.34 43.50 -5.87
CA GLY H 71 -1.88 43.64 -7.25
C GLY H 71 -3.08 42.69 -7.22
N CYS H 72 -4.00 42.94 -6.28
CA CYS H 72 -5.39 42.44 -6.33
C CYS H 72 -6.46 43.41 -5.96
N ASP H 73 -7.73 43.02 -6.07
CA ASP H 73 -8.82 43.92 -5.66
C ASP H 73 -9.78 43.10 -4.80
N PHE H 74 -10.96 43.62 -4.52
CA PHE H 74 -11.88 42.88 -3.66
C PHE H 74 -12.39 41.60 -4.31
N THR H 75 -12.38 41.53 -5.65
CA THR H 75 -12.90 40.30 -6.30
C THR H 75 -12.00 39.10 -6.07
N ASN H 76 -10.77 39.35 -5.60
CA ASN H 76 -9.82 38.28 -5.32
C ASN H 76 -10.08 37.59 -3.96
N VAL H 77 -10.90 38.22 -3.11
CA VAL H 77 -11.18 37.70 -1.76
C VAL H 77 -12.10 36.49 -1.84
N VAL H 78 -11.68 35.41 -1.17
CA VAL H 78 -12.48 34.18 -1.13
C VAL H 78 -13.04 33.84 0.23
N LYS H 79 -12.50 34.42 1.30
CA LYS H 79 -13.04 34.15 2.64
C LYS H 79 -12.72 35.33 3.52
N THR H 80 -13.64 35.67 4.41
CA THR H 80 -13.39 36.71 5.39
C THR H 80 -13.96 36.28 6.71
N THR H 81 -13.52 36.94 7.76
CA THR H 81 -14.12 36.76 9.09
C THR H 81 -14.38 38.17 9.57
N VAL H 82 -15.61 38.43 10.02
CA VAL H 82 -16.02 39.73 10.54
C VAL H 82 -16.20 39.56 12.03
N LEU H 83 -15.34 40.20 12.81
CA LEU H 83 -15.42 40.15 14.25
C LEU H 83 -16.02 41.46 14.76
N LEU H 84 -17.13 41.34 15.49
CA LEU H 84 -17.85 42.50 16.01
C LEU H 84 -17.76 42.59 17.51
N ALA H 85 -17.72 43.83 17.98
CA ALA H 85 -17.80 44.12 19.39
C ALA H 85 -19.25 43.99 19.85
N ASP H 86 -20.21 44.14 18.92
CA ASP H 86 -21.65 44.05 19.24
C ASP H 86 -22.43 43.39 18.10
N ILE H 87 -22.99 42.21 18.37
CA ILE H 87 -23.76 41.49 17.36
C ILE H 87 -24.92 42.35 16.85
N ASN H 88 -25.39 43.26 17.67
CA ASN H 88 -26.45 44.16 17.24
C ASN H 88 -26.02 45.12 16.11
N ASP H 89 -24.73 45.22 15.84
CA ASP H 89 -24.26 46.10 14.76
C ASP H 89 -24.23 45.42 13.41
N PHE H 90 -24.63 44.15 13.39
CA PHE H 90 -24.56 43.36 12.17
C PHE H 90 -25.13 44.03 10.92
N ASN H 91 -26.41 44.40 10.98
CA ASN H 91 -27.07 45.01 9.84
C ASN H 91 -26.29 46.24 9.34
N THR H 92 -25.81 47.05 10.28
CA THR H 92 -25.05 48.24 9.90
C THR H 92 -23.84 47.86 9.08
N VAL H 93 -22.98 47.03 9.68
CA VAL H 93 -21.77 46.55 9.03
C VAL H 93 -22.08 45.90 7.70
N ASN H 94 -23.13 45.10 7.67
CA ASN H 94 -23.49 44.42 6.44
C ASN H 94 -23.79 45.41 5.30
N GLU H 95 -24.50 46.49 5.61
CA GLU H 95 -24.84 47.45 4.56
C GLU H 95 -23.55 48.03 3.97
N ILE H 96 -22.52 48.17 4.80
CA ILE H 96 -21.25 48.73 4.32
C ILE H 96 -20.49 47.68 3.53
N TYR H 97 -20.44 46.48 4.08
CA TYR H 97 -19.76 45.35 3.48
C TYR H 97 -20.31 45.14 2.07
N LYS H 98 -21.64 45.17 1.92
CA LYS H 98 -22.27 45.03 0.60
C LYS H 98 -21.77 46.05 -0.43
N GLN H 99 -21.18 47.15 0.01
CA GLN H 99 -20.71 48.16 -0.94
C GLN H 99 -19.34 47.79 -1.49
N TYR H 100 -18.68 46.79 -0.90
CA TYR H 100 -17.33 46.42 -1.29
C TYR H 100 -17.35 45.03 -1.90
N PHE H 101 -18.19 44.17 -1.34
CA PHE H 101 -18.40 42.83 -1.88
C PHE H 101 -19.77 42.81 -2.53
N LYS H 102 -19.79 42.96 -3.85
CA LYS H 102 -21.04 43.14 -4.58
C LYS H 102 -21.51 41.94 -5.37
N SER H 103 -20.64 40.95 -5.58
CA SER H 103 -21.05 39.72 -6.28
C SER H 103 -20.03 38.62 -6.08
N ASN H 104 -20.35 37.40 -6.50
CA ASN H 104 -19.44 36.28 -6.30
C ASN H 104 -18.83 36.39 -4.92
N PHE H 105 -19.68 36.46 -3.89
CA PHE H 105 -19.21 36.78 -2.54
C PHE H 105 -18.25 35.78 -1.92
N PRO H 106 -17.40 36.28 -1.03
CA PRO H 106 -16.54 35.38 -0.29
C PRO H 106 -17.34 34.57 0.69
N ALA H 107 -16.77 33.42 1.06
CA ALA H 107 -17.32 32.68 2.18
C ALA H 107 -17.09 33.57 3.40
N ARG H 108 -17.84 33.37 4.47
CA ARG H 108 -17.73 34.27 5.60
C ARG H 108 -18.17 33.63 6.90
N ALA H 109 -17.55 34.08 7.99
CA ALA H 109 -18.01 33.80 9.36
C ALA H 109 -18.05 35.17 10.05
N ALA H 110 -19.13 35.45 10.78
CA ALA H 110 -19.35 36.74 11.43
C ALA H 110 -19.90 36.52 12.82
N TYR H 111 -19.27 37.10 13.83
CA TYR H 111 -19.81 36.95 15.17
C TYR H 111 -19.24 38.01 16.10
N GLN H 112 -19.78 38.04 17.30
CA GLN H 112 -19.35 38.98 18.31
C GLN H 112 -18.31 38.33 19.20
N VAL H 113 -17.22 39.06 19.42
CA VAL H 113 -16.21 38.60 20.35
C VAL H 113 -16.27 39.49 21.58
N ALA H 114 -15.41 39.25 22.57
CA ALA H 114 -15.43 40.02 23.81
C ALA H 114 -14.78 41.41 23.65
N ALA H 115 -13.71 41.48 22.87
CA ALA H 115 -12.98 42.73 22.71
C ALA H 115 -12.02 42.67 21.53
N LEU H 116 -11.81 43.82 20.92
CA LEU H 116 -10.88 43.92 19.80
C LEU H 116 -9.74 44.82 20.18
N PRO H 117 -8.66 44.79 19.42
CA PRO H 117 -7.50 45.63 19.71
C PRO H 117 -7.89 47.08 19.60
N LYS H 118 -7.27 47.93 20.42
CA LYS H 118 -7.52 49.37 20.46
C LYS H 118 -8.97 49.78 20.72
N GLY H 119 -9.78 48.90 21.28
CA GLY H 119 -11.17 49.25 21.51
C GLY H 119 -11.97 49.47 20.22
N SER H 120 -11.56 48.87 19.12
CA SER H 120 -12.34 49.02 17.88
C SER H 120 -13.64 48.28 18.04
N ARG H 121 -14.56 48.53 17.12
CA ARG H 121 -15.86 47.88 17.14
C ARG H 121 -15.94 46.77 16.11
N ILE H 122 -14.96 46.69 15.23
CA ILE H 122 -14.93 45.68 14.18
C ILE H 122 -13.51 45.40 13.70
N GLU H 123 -13.25 44.13 13.36
CA GLU H 123 -11.99 43.74 12.76
C GLU H 123 -12.41 42.77 11.67
N ILE H 124 -11.73 42.83 10.54
CA ILE H 124 -12.00 41.93 9.42
C ILE H 124 -10.71 41.29 8.90
N GLU H 125 -10.66 39.97 8.86
CA GLU H 125 -9.52 39.28 8.26
C GLU H 125 -9.98 38.67 6.94
N ALA H 126 -9.05 38.25 6.10
CA ALA H 126 -9.42 37.76 4.78
C ALA H 126 -8.35 36.88 4.15
N VAL H 127 -8.80 36.10 3.17
CA VAL H 127 -7.94 35.21 2.42
C VAL H 127 -8.22 35.58 0.97
N ALA H 128 -7.18 35.80 0.19
CA ALA H 128 -7.44 36.12 -1.19
C ALA H 128 -6.55 35.26 -2.06
N ILE H 129 -6.93 35.16 -3.34
CA ILE H 129 -6.16 34.36 -4.27
C ILE H 129 -5.64 35.28 -5.38
N GLN H 130 -4.35 35.18 -5.67
CA GLN H 130 -3.71 36.01 -6.70
C GLN H 130 -4.15 35.58 -8.11
N GLY H 131 -4.64 36.53 -8.89
CA GLY H 131 -5.12 36.26 -10.25
C GLY H 131 -4.05 35.71 -11.18
N PRO H 132 -4.39 35.32 -12.39
CA PRO H 132 -5.74 35.44 -12.96
C PRO H 132 -6.77 34.44 -12.41
N LEU H 133 -8.00 34.92 -12.22
CA LEU H 133 -9.11 34.13 -11.66
C LEU H 133 -10.33 34.02 -12.61
N THR H 134 -10.70 32.81 -13.07
CA THR H 134 -11.93 32.62 -13.93
C THR H 134 -12.97 32.09 -12.96
N THR H 135 -13.96 32.94 -12.70
CA THR H 135 -15.27 32.49 -12.19
C THR H 135 -16.21 31.70 -13.00
N ALA H 136 -16.55 30.48 -12.59
CA ALA H 136 -17.47 29.67 -13.40
C ALA H 136 -18.94 30.03 -13.24
N SER H 137 -19.72 29.93 -14.32
CA SER H 137 -21.15 30.21 -14.27
C SER H 137 -21.90 29.01 -13.69
N SER I 3 -2.04 30.23 -17.07
CA SER I 3 -3.29 30.04 -17.87
C SER I 3 -4.51 30.51 -17.06
N SER I 4 -4.62 30.12 -15.78
CA SER I 4 -5.62 30.69 -14.89
C SER I 4 -6.17 29.74 -13.81
N LEU I 5 -6.62 30.30 -12.69
CA LEU I 5 -7.24 29.50 -11.63
C LEU I 5 -8.75 29.69 -11.68
N ILE I 6 -9.47 28.59 -11.50
CA ILE I 6 -10.92 28.63 -11.57
C ILE I 6 -11.61 28.75 -10.22
N ARG I 7 -12.54 29.69 -10.16
CA ARG I 7 -13.32 29.94 -8.96
C ARG I 7 -14.76 29.48 -9.15
N ARG I 8 -15.26 28.72 -8.18
CA ARG I 8 -16.62 28.20 -8.20
C ARG I 8 -17.28 28.62 -6.90
N VAL I 9 -18.40 29.32 -7.03
CA VAL I 9 -19.17 29.74 -5.87
C VAL I 9 -20.18 28.63 -5.67
N ILE I 10 -20.08 27.93 -4.55
CA ILE I 10 -20.98 26.83 -4.27
C ILE I 10 -22.34 27.37 -3.85
N SER I 11 -23.39 26.80 -4.42
CA SER I 11 -24.75 27.25 -4.08
C SER I 11 -25.73 26.08 -4.17
N THR I 12 -26.21 25.60 -3.04
CA THR I 12 -27.16 24.49 -3.07
C THR I 12 -28.41 24.80 -2.27
N ALA I 13 -29.56 24.48 -2.86
CA ALA I 13 -30.85 24.68 -2.20
C ALA I 13 -31.08 23.61 -1.13
N LYS I 14 -30.24 22.59 -1.12
CA LYS I 14 -30.26 21.58 -0.05
C LYS I 14 -29.77 22.18 1.29
N ALA I 15 -29.21 23.38 1.25
CA ALA I 15 -28.77 24.00 2.50
C ALA I 15 -29.29 25.41 2.56
N PRO I 16 -29.36 26.01 3.74
CA PRO I 16 -29.93 27.35 3.84
C PRO I 16 -29.22 28.38 2.98
N GLY I 17 -29.99 29.21 2.28
CA GLY I 17 -29.41 30.27 1.47
C GLY I 17 -28.78 31.36 2.34
N ALA I 18 -27.98 32.20 1.70
CA ALA I 18 -27.22 33.28 2.36
C ALA I 18 -27.99 34.40 3.03
N ILE I 19 -27.39 34.94 4.07
CA ILE I 19 -27.92 36.13 4.73
C ILE I 19 -27.06 37.31 4.28
N GLY I 20 -27.06 37.49 2.96
CA GLY I 20 -26.44 38.66 2.39
C GLY I 20 -25.36 38.49 1.35
N PRO I 21 -24.31 39.27 1.57
CA PRO I 21 -23.17 39.31 0.69
C PRO I 21 -22.14 38.31 1.17
N TYR I 22 -22.53 37.05 1.30
CA TYR I 22 -21.59 35.97 1.52
C TYR I 22 -22.20 34.80 0.80
N SER I 23 -21.39 33.84 0.39
CA SER I 23 -21.93 32.65 -0.25
C SER I 23 -21.63 31.45 0.62
N GLN I 24 -22.33 30.36 0.36
CA GLN I 24 -22.18 29.12 1.12
C GLN I 24 -20.73 28.65 1.23
N ALA I 25 -20.05 28.60 0.10
CA ALA I 25 -18.67 28.20 0.04
C ALA I 25 -18.04 28.71 -1.24
N VAL I 26 -16.71 28.85 -1.24
CA VAL I 26 -15.99 29.21 -2.46
C VAL I 26 -14.89 28.19 -2.68
N LEU I 27 -14.89 27.57 -3.86
CA LEU I 27 -13.86 26.61 -4.22
C LEU I 27 -12.92 27.31 -5.17
N VAL I 28 -11.61 27.19 -4.95
CA VAL I 28 -10.58 27.73 -5.82
C VAL I 28 -9.35 26.79 -5.82
N ASP I 29 -8.96 26.29 -7.00
CA ASP I 29 -7.82 25.36 -7.12
C ASP I 29 -7.88 24.27 -6.07
N ARG I 30 -8.99 23.57 -6.02
CA ARG I 30 -9.10 22.47 -5.06
C ARG I 30 -9.25 22.82 -3.61
N THR I 31 -9.01 24.06 -3.18
CA THR I 31 -9.34 24.44 -1.78
C THR I 31 -10.76 25.01 -1.64
N ILE I 32 -11.54 24.47 -0.70
CA ILE I 32 -12.88 24.97 -0.45
C ILE I 32 -12.97 25.70 0.88
N TYR I 33 -13.35 26.97 0.85
CA TYR I 33 -13.58 27.74 2.08
C TYR I 33 -15.09 27.72 2.34
N ILE I 34 -15.52 27.13 3.45
CA ILE I 34 -16.95 27.00 3.76
C ILE I 34 -17.33 28.00 4.86
N SER I 35 -18.37 28.80 4.62
CA SER I 35 -18.84 29.77 5.56
C SER I 35 -19.28 29.11 6.87
N GLY I 36 -19.38 29.93 7.91
CA GLY I 36 -19.88 29.45 9.20
C GLY I 36 -21.30 28.93 9.05
N GLN I 37 -21.55 27.69 9.47
CA GLN I 37 -22.89 27.10 9.35
C GLN I 37 -23.55 27.13 10.72
N ILE I 38 -24.80 27.57 10.79
CA ILE I 38 -25.55 27.51 12.05
C ILE I 38 -26.72 26.55 11.82
N GLY I 39 -27.46 26.24 12.88
CA GLY I 39 -28.50 25.22 12.82
C GLY I 39 -29.79 25.68 12.16
N MET I 40 -29.68 26.39 11.04
CA MET I 40 -30.84 26.86 10.33
C MET I 40 -31.44 25.76 9.47
N ASP I 41 -32.75 25.60 9.53
CA ASP I 41 -33.43 24.65 8.66
C ASP I 41 -33.56 25.28 7.27
N PRO I 42 -33.17 24.53 6.25
CA PRO I 42 -33.11 25.02 4.87
C PRO I 42 -34.43 25.49 4.32
N SER I 43 -35.52 24.88 4.78
CA SER I 43 -36.83 25.25 4.31
C SER I 43 -37.29 26.58 4.93
N SER I 44 -37.31 26.63 6.25
CA SER I 44 -37.86 27.78 6.97
C SER I 44 -36.93 28.98 7.12
N GLY I 45 -35.63 28.73 7.17
CA GLY I 45 -34.69 29.80 7.42
C GLY I 45 -34.73 30.16 8.91
N GLN I 46 -35.31 29.29 9.73
CA GLN I 46 -35.31 29.53 11.18
C GLN I 46 -34.40 28.50 11.85
N LEU I 47 -33.86 28.86 13.01
CA LEU I 47 -33.05 27.92 13.78
C LEU I 47 -33.96 26.78 14.20
N VAL I 48 -33.46 25.55 14.22
CA VAL I 48 -34.27 24.44 14.68
C VAL I 48 -34.42 24.59 16.19
N SER I 49 -35.50 24.08 16.75
CA SER I 49 -35.69 24.19 18.19
C SER I 49 -34.98 23.01 18.88
N GLY I 50 -34.85 23.07 20.21
CA GLY I 50 -34.31 21.93 20.93
C GLY I 50 -32.99 22.15 21.63
N GLY I 51 -32.28 23.19 21.25
CA GLY I 51 -31.02 23.51 21.88
C GLY I 51 -29.81 23.17 21.04
N VAL I 52 -28.64 23.31 21.65
CA VAL I 52 -27.36 23.14 20.95
C VAL I 52 -27.21 21.78 20.29
N ALA I 53 -27.73 20.73 20.93
CA ALA I 53 -27.54 19.41 20.36
C ALA I 53 -28.20 19.40 18.99
N GLU I 54 -29.46 19.80 18.96
CA GLU I 54 -30.21 19.84 17.71
C GLU I 54 -29.59 20.82 16.69
N GLU I 55 -29.11 21.96 17.17
CA GLU I 55 -28.51 22.96 16.27
C GLU I 55 -27.22 22.44 15.64
N ALA I 56 -26.40 21.76 16.43
CA ALA I 56 -25.12 21.28 15.94
C ALA I 56 -25.34 20.28 14.82
N LYS I 57 -26.36 19.47 15.00
CA LYS I 57 -26.68 18.41 14.06
C LYS I 57 -27.13 19.02 12.75
N GLN I 58 -28.02 20.00 12.83
CA GLN I 58 -28.49 20.67 11.61
C GLN I 58 -27.37 21.43 10.91
N ALA I 59 -26.53 22.09 11.69
CA ALA I 59 -25.43 22.85 11.11
C ALA I 59 -24.49 21.91 10.35
N LEU I 60 -24.25 20.73 10.91
CA LEU I 60 -23.33 19.80 10.23
C LEU I 60 -23.98 19.19 8.99
N LYS I 61 -25.30 18.99 9.05
CA LYS I 61 -26.04 18.48 7.90
C LYS I 61 -25.93 19.50 6.80
N ASN I 62 -26.09 20.77 7.17
CA ASN I 62 -25.98 21.88 6.24
C ASN I 62 -24.59 21.87 5.58
N MET I 63 -23.54 21.71 6.39
CA MET I 63 -22.16 21.65 5.88
C MET I 63 -22.00 20.47 4.95
N GLY I 64 -22.58 19.34 5.35
CA GLY I 64 -22.53 18.17 4.50
C GLY I 64 -23.17 18.40 3.14
N GLU I 65 -24.27 19.16 3.07
CA GLU I 65 -24.91 19.38 1.78
C GLU I 65 -24.02 20.28 0.88
N ILE I 66 -23.29 21.18 1.50
CA ILE I 66 -22.41 22.11 0.80
C ILE I 66 -21.21 21.36 0.22
N LEU I 67 -20.62 20.50 1.04
CA LEU I 67 -19.53 19.62 0.59
C LEU I 67 -19.97 18.79 -0.62
N LYS I 68 -21.20 18.26 -0.54
CA LYS I 68 -21.75 17.42 -1.59
C LYS I 68 -21.88 18.22 -2.88
N ALA I 69 -22.31 19.46 -2.79
CA ALA I 69 -22.44 20.32 -3.95
C ALA I 69 -21.08 20.64 -4.55
N ALA I 70 -20.00 20.38 -3.82
CA ALA I 70 -18.65 20.64 -4.33
C ALA I 70 -17.98 19.34 -4.65
N GLY I 71 -18.80 18.29 -4.59
CA GLY I 71 -18.35 16.97 -4.94
C GLY I 71 -17.62 16.16 -3.83
N CYS I 72 -17.76 16.55 -2.55
CA CYS I 72 -16.80 16.18 -1.48
C CYS I 72 -17.73 15.65 -0.32
N ASP I 73 -17.13 15.04 0.70
CA ASP I 73 -17.88 14.63 1.88
C ASP I 73 -17.07 15.06 3.10
N PHE I 74 -17.43 14.61 4.30
CA PHE I 74 -16.70 15.08 5.48
C PHE I 74 -15.22 14.66 5.49
N THR I 75 -14.86 13.58 4.80
CA THR I 75 -13.46 13.15 4.77
C THR I 75 -12.57 14.16 4.07
N ASN I 76 -13.14 15.08 3.30
CA ASN I 76 -12.30 16.07 2.58
C ASN I 76 -11.95 17.29 3.45
N VAL I 77 -12.58 17.40 4.61
CA VAL I 77 -12.32 18.52 5.53
C VAL I 77 -10.95 18.38 6.22
N VAL I 78 -10.19 19.47 6.21
CA VAL I 78 -8.84 19.50 6.80
C VAL I 78 -8.73 20.41 8.03
N LYS I 79 -9.63 21.37 8.13
CA LYS I 79 -9.64 22.28 9.25
C LYS I 79 -11.06 22.77 9.55
N THR I 80 -11.44 22.76 10.82
CA THR I 80 -12.67 23.42 11.21
C THR I 80 -12.42 24.44 12.34
N THR I 81 -13.45 25.25 12.59
CA THR I 81 -13.48 26.21 13.70
C THR I 81 -14.85 26.04 14.33
N VAL I 82 -14.90 25.71 15.60
CA VAL I 82 -16.17 25.54 16.30
C VAL I 82 -16.30 26.69 17.25
N LEU I 83 -17.36 27.47 17.05
CA LEU I 83 -17.65 28.65 17.82
C LEU I 83 -18.88 28.35 18.65
N LEU I 84 -18.73 28.32 19.97
CA LEU I 84 -19.82 28.04 20.88
C LEU I 84 -20.28 29.27 21.64
N ALA I 85 -21.58 29.31 21.93
CA ALA I 85 -22.13 30.33 22.79
C ALA I 85 -21.80 29.99 24.25
N ASP I 86 -21.57 28.70 24.54
CA ASP I 86 -21.20 28.28 25.90
C ASP I 86 -20.16 27.16 25.91
N ILE I 87 -18.95 27.45 26.39
CA ILE I 87 -17.87 26.47 26.39
C ILE I 87 -18.27 25.12 27.04
N ASN I 88 -19.21 25.15 27.97
CA ASN I 88 -19.59 23.92 28.66
C ASN I 88 -20.49 23.03 27.81
N ASP I 89 -20.76 23.45 26.59
CA ASP I 89 -21.53 22.64 25.67
C ASP I 89 -20.60 21.73 24.85
N PHE I 90 -19.30 21.83 25.11
CA PHE I 90 -18.30 21.06 24.36
C PHE I 90 -18.58 19.58 24.23
N ASN I 91 -18.83 18.90 25.35
CA ASN I 91 -19.02 17.45 25.28
C ASN I 91 -20.18 17.08 24.37
N THR I 92 -21.31 17.72 24.63
CA THR I 92 -22.48 17.50 23.83
C THR I 92 -22.13 17.72 22.36
N VAL I 93 -21.48 18.82 22.06
CA VAL I 93 -21.12 19.11 20.67
C VAL I 93 -20.14 18.10 20.04
N ASN I 94 -19.10 17.70 20.77
CA ASN I 94 -18.17 16.68 20.28
C ASN I 94 -18.87 15.35 19.95
N GLU I 95 -19.84 14.93 20.76
CA GLU I 95 -20.57 13.70 20.44
C GLU I 95 -21.23 13.74 19.07
N ILE I 96 -21.84 14.87 18.72
CA ILE I 96 -22.51 15.01 17.43
C ILE I 96 -21.46 15.21 16.32
N TYR I 97 -20.42 16.00 16.59
CA TYR I 97 -19.34 16.25 15.63
C TYR I 97 -18.75 14.90 15.11
N LYS I 98 -18.45 13.99 16.05
CA LYS I 98 -17.91 12.67 15.74
C LYS I 98 -18.82 11.73 14.97
N GLN I 99 -20.11 12.06 14.90
CA GLN I 99 -21.05 11.27 14.11
C GLN I 99 -20.91 11.63 12.62
N TYR I 100 -20.28 12.78 12.36
CA TYR I 100 -20.06 13.28 11.02
C TYR I 100 -18.60 13.18 10.58
N PHE I 101 -17.69 13.61 11.44
CA PHE I 101 -16.25 13.48 11.21
C PHE I 101 -15.87 12.22 11.95
N LYS I 102 -15.86 11.11 11.25
CA LYS I 102 -15.81 9.82 11.92
C LYS I 102 -14.42 9.44 12.43
N SER I 103 -13.39 9.89 11.73
CA SER I 103 -12.01 9.58 12.08
C SER I 103 -11.12 10.50 11.29
N ASN I 104 -9.81 10.33 11.41
CA ASN I 104 -8.86 11.18 10.71
C ASN I 104 -9.37 12.61 10.83
N PHE I 105 -9.58 13.05 12.05
CA PHE I 105 -10.22 14.32 12.33
C PHE I 105 -9.49 15.53 11.76
N PRO I 106 -10.22 16.53 11.29
CA PRO I 106 -9.58 17.76 10.84
C PRO I 106 -8.81 18.42 11.97
N ALA I 107 -7.90 19.31 11.60
CA ALA I 107 -7.32 20.21 12.58
C ALA I 107 -8.48 21.07 13.06
N ARG I 108 -8.36 21.69 14.22
CA ARG I 108 -9.50 22.44 14.76
C ARG I 108 -9.09 23.54 15.70
N ALA I 109 -9.84 24.65 15.67
CA ALA I 109 -9.75 25.67 16.71
C ALA I 109 -11.15 25.75 17.34
N ALA I 110 -11.19 26.05 18.61
CA ALA I 110 -12.47 26.10 19.30
C ALA I 110 -12.43 27.07 20.45
N TYR I 111 -13.50 27.82 20.59
CA TYR I 111 -13.58 28.80 21.65
C TYR I 111 -15.02 29.25 21.81
N GLN I 112 -15.30 29.91 22.92
CA GLN I 112 -16.62 30.46 23.17
C GLN I 112 -16.57 31.93 22.75
N VAL I 113 -17.60 32.37 22.05
CA VAL I 113 -17.71 33.73 21.59
C VAL I 113 -18.79 34.42 22.41
N ALA I 114 -18.97 35.70 22.18
CA ALA I 114 -19.89 36.47 22.99
C ALA I 114 -21.31 36.30 22.47
N ALA I 115 -21.47 36.25 21.15
CA ALA I 115 -22.77 36.12 20.54
C ALA I 115 -22.60 35.62 19.11
N LEU I 116 -23.58 34.83 18.65
CA LEU I 116 -23.58 34.26 17.31
C LEU I 116 -24.82 34.80 16.60
N PRO I 117 -24.87 34.77 15.27
CA PRO I 117 -26.06 35.24 14.57
C PRO I 117 -27.32 34.49 14.96
N LYS I 118 -28.43 35.25 15.03
CA LYS I 118 -29.75 34.72 15.33
C LYS I 118 -29.83 34.09 16.70
N GLY I 119 -28.85 34.36 17.55
CA GLY I 119 -28.83 33.80 18.89
C GLY I 119 -28.52 32.31 18.87
N SER I 120 -27.83 31.86 17.82
CA SER I 120 -27.44 30.45 17.70
C SER I 120 -26.52 30.01 18.83
N ARG I 121 -26.53 28.71 19.09
CA ARG I 121 -25.71 28.15 20.17
C ARG I 121 -24.38 27.64 19.64
N ILE I 122 -24.27 27.51 18.31
CA ILE I 122 -23.04 26.99 17.72
C ILE I 122 -22.93 27.41 16.26
N GLU I 123 -21.71 27.63 15.78
CA GLU I 123 -21.47 27.94 14.37
C GLU I 123 -20.19 27.18 14.04
N ILE I 124 -20.13 26.54 12.89
CA ILE I 124 -18.94 25.80 12.51
C ILE I 124 -18.53 26.20 11.11
N GLU I 125 -17.28 26.61 10.94
CA GLU I 125 -16.76 26.93 9.61
C GLU I 125 -15.72 25.85 9.27
N ALA I 126 -15.31 25.78 8.01
CA ALA I 126 -14.38 24.75 7.60
C ALA I 126 -13.60 25.05 6.33
N VAL I 127 -12.49 24.36 6.17
CA VAL I 127 -11.69 24.34 4.94
C VAL I 127 -11.61 22.89 4.54
N ALA I 128 -11.89 22.61 3.26
CA ALA I 128 -11.85 21.27 2.74
C ALA I 128 -11.04 21.28 1.42
N ILE I 129 -10.56 20.11 1.02
CA ILE I 129 -9.78 19.96 -0.20
C ILE I 129 -10.43 18.93 -1.12
N GLN I 130 -10.73 19.30 -2.36
CA GLN I 130 -11.23 18.36 -3.36
C GLN I 130 -10.26 17.22 -3.60
N GLY I 131 -10.76 15.99 -3.58
CA GLY I 131 -9.94 14.81 -3.84
C GLY I 131 -9.54 14.70 -5.30
N PRO I 132 -8.77 13.69 -5.65
CA PRO I 132 -8.38 12.60 -4.75
C PRO I 132 -7.24 12.96 -3.81
N LEU I 133 -7.25 12.38 -2.62
CA LEU I 133 -6.24 12.64 -1.60
C LEU I 133 -5.51 11.32 -1.28
N THR I 134 -4.22 11.39 -0.93
CA THR I 134 -3.47 10.18 -0.55
C THR I 134 -2.41 10.49 0.48
N THR I 135 -1.96 9.47 1.20
CA THR I 135 -0.87 9.63 2.15
C THR I 135 0.52 9.39 1.53
N ALA I 136 0.58 8.84 0.34
CA ALA I 136 1.89 8.47 -0.28
C ALA I 136 2.52 9.52 -1.22
N SER I 137 3.84 9.43 -1.38
CA SER I 137 4.60 10.29 -2.30
C SER I 137 5.08 9.47 -3.50
C BEZ J . 2.96 -2.48 4.71
O1 BEZ J . 2.13 -2.49 3.63
O2 BEZ J . 2.50 -2.84 5.86
C1 BEZ J . 4.40 -2.03 4.52
C2 BEZ J . 4.68 -1.16 3.46
C3 BEZ J . 6.00 -0.70 3.29
C4 BEZ J . 6.98 -1.15 4.16
C5 BEZ J . 6.70 -2.02 5.18
C6 BEZ J . 5.39 -2.46 5.38
C BEZ K . 1.73 -2.07 0.67
O1 BEZ K . 0.51 -1.82 1.32
O2 BEZ K . 2.82 -2.44 1.33
C1 BEZ K . 1.80 -1.86 -0.95
C2 BEZ K . 0.71 -1.29 -1.62
C3 BEZ K . 0.79 -1.12 -3.00
C4 BEZ K . 1.93 -1.50 -3.70
C5 BEZ K . 2.99 -2.07 -3.02
C6 BEZ K . 2.95 -2.25 -1.65
C BEZ L . 20.22 -12.18 14.89
O1 BEZ L . 21.42 -11.74 14.32
O2 BEZ L . 19.28 -11.35 15.26
C1 BEZ L . 20.06 -13.68 15.13
C2 BEZ L . 21.19 -14.48 15.10
C3 BEZ L . 21.08 -15.83 15.35
C4 BEZ L . 19.82 -16.38 15.63
C5 BEZ L . 18.69 -15.59 15.66
C6 BEZ L . 18.80 -14.22 15.41
C BEZ M . 24.29 -15.38 10.17
O1 BEZ M . 24.36 -16.48 9.27
O2 BEZ M . 25.20 -15.19 11.09
C1 BEZ M . 22.93 -14.14 10.14
C2 BEZ M . 22.12 -13.95 9.05
C3 BEZ M . 21.11 -12.99 9.12
C4 BEZ M . 20.95 -12.24 10.27
C5 BEZ M . 21.78 -12.43 11.37
C6 BEZ M . 22.77 -13.39 11.30
C BEZ N . -0.22 -22.96 14.50
O1 BEZ N . 0.60 -22.03 15.19
O2 BEZ N . -0.31 -24.22 14.88
C1 BEZ N . -1.17 -22.39 13.13
C2 BEZ N . -0.90 -21.12 12.63
C3 BEZ N . -1.64 -20.66 11.56
C4 BEZ N . -2.62 -21.46 11.01
C5 BEZ N . -2.89 -22.73 11.52
C6 BEZ N . -2.14 -23.19 12.58
C BEZ O . -7.34 -23.34 -34.65
O1 BEZ O . -8.74 -23.41 -34.73
O2 BEZ O . -6.80 -22.51 -33.80
C1 BEZ O . -6.44 -24.21 -35.58
C2 BEZ O . -7.02 -24.78 -36.68
C3 BEZ O . -6.23 -25.56 -37.53
C4 BEZ O . -4.88 -25.71 -37.26
C5 BEZ O . -4.31 -25.11 -36.14
C6 BEZ O . -5.10 -24.37 -35.31
C BEZ P . -11.04 -25.11 -35.48
O1 BEZ P . -11.40 -23.76 -35.39
O2 BEZ P . -9.82 -25.50 -35.25
C1 BEZ P . -12.28 -26.27 -35.81
C2 BEZ P . -13.47 -25.84 -36.36
C3 BEZ P . -14.48 -26.76 -36.61
C4 BEZ P . -14.29 -28.09 -36.27
C5 BEZ P . -13.11 -28.52 -35.71
C6 BEZ P . -12.09 -27.61 -35.47
C BEZ Q . -1.20 -23.75 -12.86
O1 BEZ Q . -0.21 -23.26 -13.74
O2 BEZ Q . -0.88 -24.27 -11.71
C1 BEZ Q . -2.90 -23.62 -13.33
C2 BEZ Q . -3.23 -23.54 -14.66
C3 BEZ Q . -4.56 -23.45 -15.05
C4 BEZ Q . -5.55 -23.44 -14.08
C5 BEZ Q . -5.22 -23.51 -12.74
C6 BEZ Q . -3.89 -23.60 -12.36
C BEZ R . 12.78 -31.60 -29.35
O1 BEZ R . 12.17 -30.40 -29.76
O2 BEZ R . 13.28 -32.44 -30.21
C1 BEZ R . 12.90 -31.96 -27.80
C2 BEZ R . 12.16 -31.24 -26.87
C3 BEZ R . 12.29 -31.58 -25.52
C4 BEZ R . 13.16 -32.59 -25.14
C5 BEZ R . 13.89 -33.30 -26.06
C6 BEZ R . 13.75 -32.99 -27.40
C BEZ S . -2.31 42.38 15.85
O1 BEZ S . -2.22 41.11 15.26
O2 BEZ S . -1.46 42.78 16.76
C1 BEZ S . -3.47 43.40 15.39
C2 BEZ S . -4.61 42.87 14.80
C3 BEZ S . -5.62 43.73 14.41
C4 BEZ S . -5.46 45.09 14.60
C5 BEZ S . -4.32 45.61 15.17
C6 BEZ S . -3.31 44.77 15.59
C BEZ T . -22.91 35.47 8.15
O1 BEZ T . -23.62 36.66 7.85
O2 BEZ T . -21.64 35.34 7.85
C1 BEZ T . -23.82 34.18 8.91
C2 BEZ T . -25.17 34.37 9.14
C3 BEZ T . -25.92 33.36 9.73
C4 BEZ T . -25.29 32.18 10.07
C5 BEZ T . -23.93 31.98 9.83
C6 BEZ T . -23.20 32.99 9.25
C BEZ U . -10.68 21.79 20.36
O1 BEZ U . -10.76 21.90 18.97
O2 BEZ U . -11.63 21.17 21.03
C1 BEZ U . -9.52 22.40 21.07
C2 BEZ U . -8.88 23.49 20.49
C3 BEZ U . -7.78 24.04 21.14
C4 BEZ U . -7.36 23.50 22.34
C5 BEZ U . -7.99 22.41 22.92
C6 BEZ U . -9.07 21.86 22.27
C BEZ V . -12.52 19.97 23.67
O1 BEZ V . -11.79 21.16 23.39
O2 BEZ V . -12.85 19.15 22.70
C1 BEZ V . -12.98 19.65 25.34
C2 BEZ V . -12.77 20.62 26.30
C3 BEZ V . -13.12 20.37 27.62
C4 BEZ V . -13.69 19.15 27.97
C5 BEZ V . -13.90 18.17 27.01
C6 BEZ V . -13.55 18.42 25.68
#